data_5XN7
#
_entry.id   5XN7
#
_cell.length_a   124.743
_cell.length_b   185.185
_cell.length_c   81.365
_cell.angle_alpha   90.00
_cell.angle_beta   95.60
_cell.angle_gamma   90.00
#
_symmetry.space_group_name_H-M   'C 1 2 1'
#
loop_
_entity.id
_entity.type
_entity.pdbx_description
1 polymer 'Putative RTX-toxin'
2 non-polymer '1,4-DIETHYLENE DIOXIDE'
3 non-polymer 'SULFATE ION'
4 non-polymer '2-(N-MORPHOLINO)-ETHANESULFONIC ACID'
5 non-polymer 'FORMIC ACID'
6 non-polymer 'CHLORIDE ION'
7 water water
#
_entity_poly.entity_id   1
_entity_poly.type   'polypeptide(L)'
_entity_poly.pdbx_seq_one_letter_code
;RNLLVQEGEEGFEVRSWPGTDGKSKTILLDNPEDAAQQKSIERFILANFDNFEQ(MSE)PDELFLVDNKVLSHHDGRTRI
LARKEDGAWTYNANVEL(MSE)SVTELLDAAHVSGKVRGESYQQVIDALTEYHASTAEHADYELTSVEKLLNLRKQVEGY
VLGHPDSGRVQA(MSE)NALLNQVNSRLEAVSVLVVSEQSIKAHDSFSHLYDQLDNANLKESKHLYLDGNGDFVTKGKGN
LANIDKLGGSDAVLEKVKAAVSHEYGQVVADTIFAGLSANDLAKDGKGIDIAGLNKVHQAIEQH(MSE)SPVSAT(MSE)
YIWKPSDHSALGHAALQIGQGRTQLEGQAAADFNKQNYVSWWPLGSKSSNIRNIFNVATEDQPDLKLRWSDFSQPAHQND
TLEHD(MSE)ASEENDGFGLNDGETKLKRFVEKLNAAKGIDASYKDASEGYASVLLGNPD(MSE)LASTGIPAHVFQPFV
DQWNDTSYD(MSE)(MSE)DVANRFAEELQKQAQASGDPALVEKRIDNVVRLFAERALEEIEAFKASQADEGRVFRINLE
GLDVAA(MSE)QAEWNRLSNDPDARYQLLTKNASSTVAKVLKAGGADKLIGHTWRPKFGVWTPTELFNFGQALQEAQLEI
AAKKQSHQATDLLDAL
;
_entity_poly.pdbx_strand_id   A,B
#
loop_
_chem_comp.id
_chem_comp.type
_chem_comp.name
_chem_comp.formula
CL non-polymer 'CHLORIDE ION' 'Cl -1'
DIO non-polymer '1,4-DIETHYLENE DIOXIDE' 'C4 H8 O2'
FMT non-polymer 'FORMIC ACID' 'C H2 O2'
MES non-polymer '2-(N-MORPHOLINO)-ETHANESULFONIC ACID' 'C6 H13 N O4 S'
SO4 non-polymer 'SULFATE ION' 'O4 S -2'
#
# COMPACT_ATOMS: atom_id res chain seq x y z
N ASN A 2 29.22 50.46 -2.68
CA ASN A 2 28.36 49.35 -2.18
C ASN A 2 27.17 49.88 -1.35
N LEU A 3 26.51 48.98 -0.62
CA LEU A 3 25.29 49.28 0.13
C LEU A 3 25.45 48.84 1.59
N LEU A 4 24.91 49.62 2.52
CA LEU A 4 24.96 49.29 3.95
C LEU A 4 23.75 48.48 4.42
N VAL A 5 23.94 47.72 5.50
CA VAL A 5 22.84 46.97 6.13
C VAL A 5 22.55 47.47 7.57
N GLN A 6 21.27 47.69 7.87
CA GLN A 6 20.84 48.17 9.19
C GLN A 6 19.95 47.14 9.89
N GLU A 7 19.33 47.54 11.00
CA GLU A 7 18.35 46.71 11.69
C GLU A 7 16.92 47.15 11.37
N GLY A 11 14.61 41.35 11.64
CA GLY A 11 15.75 40.97 10.83
C GLY A 11 16.63 42.15 10.46
N PHE A 12 17.11 42.15 9.21
CA PHE A 12 17.96 43.25 8.70
C PHE A 12 17.31 44.00 7.53
N GLU A 13 18.01 45.03 7.04
CA GLU A 13 17.56 45.80 5.89
C GLU A 13 18.75 46.28 5.07
N VAL A 14 18.52 46.53 3.78
CA VAL A 14 19.53 47.13 2.90
C VAL A 14 18.93 48.29 2.08
N ARG A 15 19.72 49.36 1.88
CA ARG A 15 19.26 50.50 1.09
C ARG A 15 20.34 51.01 0.13
N SER A 16 19.90 51.47 -1.06
CA SER A 16 20.80 51.92 -2.13
C SER A 16 21.58 53.19 -1.77
N THR A 26 14.72 48.93 1.81
CA THR A 26 13.51 48.41 1.21
C THR A 26 13.65 46.95 0.80
N ILE A 27 14.86 46.40 0.97
CA ILE A 27 15.12 44.97 0.71
C ILE A 27 15.57 44.24 2.01
N LEU A 28 14.62 43.48 2.58
CA LEU A 28 14.75 42.85 3.89
C LEU A 28 15.64 41.59 3.86
N LEU A 29 16.12 41.17 5.04
CA LEU A 29 17.06 40.05 5.18
C LEU A 29 16.93 39.40 6.58
N ASP A 30 16.99 38.07 6.62
CA ASP A 30 16.67 37.31 7.85
C ASP A 30 17.56 36.12 8.18
N ASN A 31 17.93 36.01 9.46
CA ASN A 31 18.73 34.90 9.97
C ASN A 31 18.16 34.32 11.26
N PRO A 32 18.03 32.99 11.33
CA PRO A 32 17.53 32.30 12.52
C PRO A 32 18.67 31.78 13.39
N GLN A 37 20.51 34.29 14.60
CA GLN A 37 20.35 35.67 14.15
C GLN A 37 21.70 36.40 14.09
N GLN A 38 22.30 36.64 15.24
CA GLN A 38 23.59 37.33 15.32
C GLN A 38 24.73 36.32 15.51
N LYS A 39 24.80 35.34 14.61
CA LYS A 39 25.83 34.29 14.65
C LYS A 39 26.79 34.34 13.45
N SER A 40 27.51 33.24 13.22
CA SER A 40 28.45 33.13 12.10
C SER A 40 27.78 32.59 10.82
N ILE A 41 26.45 32.46 10.87
CA ILE A 41 25.65 32.17 9.69
C ILE A 41 25.67 33.36 8.72
N GLU A 42 26.00 34.54 9.26
CA GLU A 42 26.18 35.77 8.49
C GLU A 42 27.26 35.62 7.41
N ARG A 43 28.31 34.88 7.74
CA ARG A 43 29.38 34.56 6.79
C ARG A 43 28.85 33.80 5.56
N PHE A 44 27.89 32.90 5.79
CA PHE A 44 27.27 32.11 4.72
C PHE A 44 26.32 32.93 3.84
N ILE A 45 25.71 33.96 4.44
CA ILE A 45 24.74 34.82 3.74
C ILE A 45 25.32 35.59 2.55
N LEU A 46 26.29 36.48 2.80
CA LEU A 46 26.86 37.33 1.74
C LEU A 46 27.59 36.48 0.69
N ALA A 47 28.06 35.30 1.10
CA ALA A 47 28.63 34.32 0.18
C ALA A 47 27.64 34.00 -0.92
N ASN A 48 26.44 33.62 -0.53
CA ASN A 48 25.45 33.30 -1.52
C ASN A 48 25.24 34.53 -2.37
N PHE A 49 25.16 35.68 -1.72
CA PHE A 49 24.81 36.88 -2.43
C PHE A 49 25.86 37.16 -3.49
N ASP A 50 25.41 37.55 -4.67
CA ASP A 50 26.32 37.74 -5.79
C ASP A 50 26.28 39.07 -6.57
N ASN A 51 25.27 39.91 -6.35
CA ASN A 51 25.05 41.06 -7.24
C ASN A 51 24.29 42.21 -6.61
N PHE A 52 24.08 43.27 -7.39
CA PHE A 52 23.54 44.50 -6.82
C PHE A 52 22.04 44.69 -6.99
N GLU A 53 21.61 45.12 -8.16
CA GLU A 53 20.17 45.32 -8.37
C GLU A 53 19.38 44.01 -8.48
N GLN A 54 20.10 42.91 -8.69
CA GLN A 54 19.51 41.58 -8.83
C GLN A 54 19.29 40.92 -7.46
N MSE A 55 18.46 41.54 -6.63
CA MSE A 55 18.23 41.08 -5.26
C MSE A 55 16.76 40.84 -5.01
O MSE A 55 15.92 41.65 -5.43
CB MSE A 55 18.78 42.13 -4.30
CG MSE A 55 19.02 41.60 -2.88
SE MSE A 55 20.62 42.37 -2.03
CE MSE A 55 21.15 40.74 -1.05
N PRO A 56 16.42 39.72 -4.35
CA PRO A 56 15.02 39.48 -3.98
C PRO A 56 14.54 40.41 -2.86
N ASP A 57 13.28 40.85 -2.93
CA ASP A 57 12.66 41.70 -1.91
C ASP A 57 13.01 41.23 -0.51
N GLU A 58 12.80 39.94 -0.28
CA GLU A 58 13.07 39.33 1.01
C GLU A 58 14.00 38.13 0.83
N LEU A 59 14.73 37.79 1.89
CA LEU A 59 15.71 36.70 1.86
C LEU A 59 15.86 36.15 3.27
N PHE A 60 15.97 34.82 3.38
CA PHE A 60 15.87 34.15 4.67
C PHE A 60 16.92 33.05 4.85
N LEU A 61 17.28 32.81 6.10
CA LEU A 61 18.13 31.70 6.47
C LEU A 61 17.59 31.06 7.74
N VAL A 62 16.88 29.95 7.58
CA VAL A 62 16.31 29.26 8.73
C VAL A 62 16.99 27.92 8.99
N ASP A 63 17.27 27.16 7.93
CA ASP A 63 18.03 25.92 8.05
C ASP A 63 19.06 25.78 6.93
N ASN A 64 19.57 24.56 6.72
CA ASN A 64 20.45 24.26 5.58
C ASN A 64 19.84 24.82 4.28
N LYS A 65 18.53 24.99 4.29
CA LYS A 65 17.77 25.65 3.22
C LYS A 65 17.81 27.17 3.33
N VAL A 66 18.14 27.83 2.22
CA VAL A 66 18.11 29.30 2.10
C VAL A 66 16.93 29.67 1.18
N LEU A 67 16.11 30.63 1.61
CA LEU A 67 14.87 30.95 0.89
C LEU A 67 14.58 32.44 0.69
N SER A 68 13.95 32.76 -0.44
CA SER A 68 13.67 34.14 -0.85
C SER A 68 12.21 34.37 -1.20
N HIS A 69 11.74 35.60 -0.98
CA HIS A 69 10.37 35.97 -1.32
C HIS A 69 10.33 37.11 -2.29
N HIS A 70 10.09 36.80 -3.54
CA HIS A 70 10.07 37.80 -4.54
C HIS A 70 8.69 37.93 -5.05
N ASP A 71 8.22 39.14 -5.19
CA ASP A 71 6.87 39.29 -5.64
C ASP A 71 6.10 38.47 -4.66
N GLY A 72 5.22 37.63 -5.14
CA GLY A 72 4.41 36.83 -4.24
C GLY A 72 4.90 35.42 -3.99
N ARG A 73 6.08 35.08 -4.49
CA ARG A 73 6.53 33.70 -4.52
C ARG A 73 7.68 33.37 -3.59
N THR A 74 7.49 32.32 -2.81
CA THR A 74 8.51 31.82 -1.90
C THR A 74 9.26 30.66 -2.56
N ARG A 75 10.59 30.74 -2.57
CA ARG A 75 11.44 29.71 -3.16
C ARG A 75 12.50 29.23 -2.16
N ILE A 76 12.86 27.95 -2.22
CA ILE A 76 14.04 27.44 -1.50
C ILE A 76 15.23 27.41 -2.46
N LEU A 77 16.24 28.22 -2.17
CA LEU A 77 17.34 28.50 -3.11
C LEU A 77 18.56 27.59 -3.01
N ALA A 78 18.95 27.21 -1.79
CA ALA A 78 20.22 26.48 -1.60
C ALA A 78 20.26 25.59 -0.36
N ARG A 79 21.10 24.54 -0.45
CA ARG A 79 21.37 23.62 0.66
C ARG A 79 22.84 23.15 0.66
N LYS A 80 23.71 23.98 1.24
CA LYS A 80 25.16 23.72 1.29
C LYS A 80 25.70 23.83 2.72
N ALA A 89 17.90 25.18 -6.10
CA ALA A 89 17.36 24.39 -7.28
C ALA A 89 15.95 24.89 -7.63
N ASN A 90 15.79 25.37 -8.87
CA ASN A 90 14.55 26.02 -9.31
C ASN A 90 13.39 25.04 -9.43
N VAL A 91 12.21 25.42 -8.92
CA VAL A 91 11.07 24.51 -8.81
C VAL A 91 9.69 25.04 -9.23
N GLU A 92 9.35 24.91 -10.51
CA GLU A 92 8.06 25.36 -11.01
C GLU A 92 6.95 24.31 -10.92
N LEU A 93 5.84 24.67 -10.28
CA LEU A 93 4.65 23.81 -10.19
C LEU A 93 4.03 23.75 -11.56
N MSE A 94 3.61 22.56 -12.00
CA MSE A 94 3.18 22.44 -13.40
C MSE A 94 1.79 23.01 -13.57
O MSE A 94 0.98 22.94 -12.65
CB MSE A 94 3.50 21.14 -14.11
CG MSE A 94 2.81 20.02 -13.35
SE MSE A 94 2.93 18.32 -14.35
CE MSE A 94 4.79 18.31 -15.02
N SER A 95 1.58 23.67 -14.70
CA SER A 95 0.30 24.29 -15.03
C SER A 95 -0.64 23.15 -15.41
N VAL A 96 -1.94 23.44 -15.52
CA VAL A 96 -2.97 22.41 -15.72
C VAL A 96 -2.78 21.70 -17.06
N THR A 97 -2.44 22.50 -18.09
CA THR A 97 -2.22 21.97 -19.43
C THR A 97 -0.94 21.15 -19.43
N GLU A 98 0.07 21.60 -18.68
CA GLU A 98 1.34 20.89 -18.55
C GLU A 98 1.07 19.51 -17.97
N LEU A 99 0.10 19.49 -17.06
CA LEU A 99 -0.26 18.29 -16.35
C LEU A 99 -1.12 17.42 -17.25
N LEU A 100 -1.90 18.07 -18.12
CA LEU A 100 -2.72 17.31 -19.06
C LEU A 100 -1.81 16.54 -20.02
N ASP A 101 -0.71 17.18 -20.40
CA ASP A 101 0.30 16.54 -21.23
C ASP A 101 1.06 15.42 -20.51
N ALA A 102 1.26 15.57 -19.20
CA ALA A 102 2.12 14.67 -18.45
C ALA A 102 1.34 13.44 -17.92
N ALA A 103 0.04 13.62 -17.68
CA ALA A 103 -0.77 12.57 -17.11
C ALA A 103 -1.56 11.86 -18.19
N HIS A 104 -1.37 12.32 -19.45
CA HIS A 104 -2.10 11.78 -20.58
C HIS A 104 -1.88 10.31 -20.71
N VAL A 105 -2.98 9.57 -20.89
CA VAL A 105 -2.92 8.13 -21.06
C VAL A 105 -3.95 7.68 -22.11
N SER A 106 -3.45 7.31 -23.28
CA SER A 106 -4.33 7.13 -24.44
C SER A 106 -5.27 5.96 -24.24
N GLY A 107 -6.52 6.13 -24.65
CA GLY A 107 -7.54 5.10 -24.48
C GLY A 107 -8.37 5.20 -23.22
N LYS A 108 -7.84 5.86 -22.18
CA LYS A 108 -8.51 6.02 -20.89
C LYS A 108 -9.23 7.36 -20.70
N VAL A 109 -10.45 7.31 -20.20
CA VAL A 109 -11.23 8.50 -19.85
C VAL A 109 -10.68 9.07 -18.54
N ARG A 110 -10.73 10.39 -18.40
CA ARG A 110 -10.36 11.08 -17.17
C ARG A 110 -11.39 10.76 -16.08
N GLY A 111 -11.01 9.97 -15.08
CA GLY A 111 -11.94 9.61 -14.00
C GLY A 111 -12.02 10.69 -12.94
N GLU A 112 -13.02 10.58 -12.06
CA GLU A 112 -13.25 11.57 -11.00
C GLU A 112 -12.00 11.90 -10.20
N SER A 113 -11.22 10.88 -9.87
CA SER A 113 -10.00 11.10 -9.12
C SER A 113 -9.08 12.06 -9.89
N TYR A 114 -8.94 11.80 -11.19
CA TYR A 114 -8.11 12.64 -12.03
C TYR A 114 -8.73 14.04 -12.13
N GLN A 115 -10.05 14.09 -12.14
CA GLN A 115 -10.73 15.37 -12.24
C GLN A 115 -10.51 16.21 -10.95
N GLN A 116 -10.59 15.54 -9.80
CA GLN A 116 -10.39 16.22 -8.51
C GLN A 116 -9.02 16.91 -8.42
N VAL A 117 -8.01 16.27 -9.01
CA VAL A 117 -6.66 16.78 -9.01
C VAL A 117 -6.61 17.99 -9.93
N ILE A 118 -7.04 17.80 -11.19
CA ILE A 118 -7.04 18.86 -12.18
C ILE A 118 -7.71 20.10 -11.62
N ASP A 119 -8.88 19.91 -10.99
CA ASP A 119 -9.63 21.03 -10.40
C ASP A 119 -8.88 21.70 -9.25
N ALA A 120 -8.29 20.90 -8.36
CA ALA A 120 -7.50 21.42 -7.24
C ALA A 120 -6.28 22.25 -7.70
N LEU A 121 -5.65 21.82 -8.80
CA LEU A 121 -4.54 22.52 -9.40
C LEU A 121 -5.00 23.83 -10.02
N THR A 122 -6.21 23.81 -10.59
CA THR A 122 -6.80 24.98 -11.20
C THR A 122 -7.05 26.01 -10.13
N GLU A 123 -7.63 25.54 -9.01
CA GLU A 123 -8.00 26.40 -7.88
C GLU A 123 -6.74 26.98 -7.25
N TYR A 124 -5.64 26.22 -7.29
CA TYR A 124 -4.40 26.71 -6.77
C TYR A 124 -3.83 27.87 -7.58
N HIS A 125 -3.49 27.62 -8.84
CA HIS A 125 -2.91 28.66 -9.69
C HIS A 125 -3.78 29.88 -9.70
N ALA A 126 -5.09 29.66 -9.52
CA ALA A 126 -6.04 30.77 -9.36
C ALA A 126 -5.65 31.71 -8.21
N SER A 127 -5.24 31.11 -7.08
CA SER A 127 -5.01 31.83 -5.84
C SER A 127 -3.70 32.61 -5.76
N THR A 128 -2.71 32.22 -6.56
CA THR A 128 -1.42 32.91 -6.54
C THR A 128 -1.48 34.20 -7.37
N ALA A 129 -2.62 34.44 -8.02
CA ALA A 129 -2.81 35.60 -8.88
C ALA A 129 -2.97 36.88 -8.07
N GLU A 130 -3.83 36.82 -7.05
CA GLU A 130 -4.07 37.98 -6.20
C GLU A 130 -3.74 37.73 -4.73
N HIS A 131 -2.96 36.68 -4.47
CA HIS A 131 -2.42 36.43 -3.13
C HIS A 131 -0.95 36.10 -3.13
N ALA A 132 -0.29 36.40 -2.01
CA ALA A 132 1.02 35.85 -1.72
C ALA A 132 0.89 34.36 -1.38
N ASP A 133 1.86 33.55 -1.81
CA ASP A 133 1.77 32.11 -1.62
C ASP A 133 1.71 31.66 -0.15
N TYR A 134 2.14 32.55 0.76
CA TYR A 134 2.14 32.24 2.19
C TYR A 134 0.86 32.67 2.94
N GLU A 135 -0.06 33.32 2.22
CA GLU A 135 -1.38 33.63 2.77
C GLU A 135 -2.15 32.33 3.01
N LEU A 136 -2.99 32.33 4.04
CA LEU A 136 -3.66 31.11 4.49
C LEU A 136 -4.65 30.59 3.46
N THR A 137 -5.26 31.51 2.71
CA THR A 137 -6.18 31.11 1.65
C THR A 137 -5.39 30.29 0.62
N SER A 138 -4.28 30.85 0.15
CA SER A 138 -3.48 30.18 -0.89
C SER A 138 -2.65 28.98 -0.37
N VAL A 139 -2.77 28.69 0.93
CA VAL A 139 -2.11 27.54 1.52
C VAL A 139 -3.12 26.39 1.66
N GLU A 140 -4.33 26.72 2.11
CA GLU A 140 -5.45 25.78 2.14
C GLU A 140 -5.67 25.26 0.73
N LYS A 141 -5.53 26.15 -0.27
CA LYS A 141 -5.62 25.69 -1.65
C LYS A 141 -4.50 24.66 -1.89
N LEU A 142 -3.25 25.08 -1.61
CA LEU A 142 -2.11 24.17 -1.78
C LEU A 142 -2.25 22.78 -1.08
N LEU A 143 -2.85 22.76 0.11
CA LEU A 143 -2.97 21.55 0.91
C LEU A 143 -3.92 20.61 0.23
N ASN A 144 -5.02 21.14 -0.28
CA ASN A 144 -6.03 20.37 -0.96
C ASN A 144 -5.49 19.71 -2.18
N LEU A 145 -4.68 20.43 -2.92
CA LEU A 145 -3.93 19.82 -4.02
C LEU A 145 -3.14 18.61 -3.54
N ARG A 146 -2.36 18.78 -2.47
CA ARG A 146 -1.57 17.68 -1.94
C ARG A 146 -2.47 16.48 -1.58
N LYS A 147 -3.58 16.80 -0.93
CA LYS A 147 -4.58 15.90 -0.45
C LYS A 147 -5.15 15.09 -1.62
N GLN A 148 -5.26 15.73 -2.77
CA GLN A 148 -5.92 15.15 -3.96
C GLN A 148 -4.93 14.33 -4.76
N VAL A 149 -3.70 14.81 -4.87
CA VAL A 149 -2.70 14.01 -5.51
C VAL A 149 -2.46 12.68 -4.77
N GLU A 150 -2.27 12.75 -3.44
CA GLU A 150 -1.88 11.62 -2.61
C GLU A 150 -2.94 10.56 -2.69
N GLY A 151 -4.19 10.97 -2.60
CA GLY A 151 -5.26 10.04 -2.65
C GLY A 151 -5.39 9.41 -4.03
N TYR A 152 -4.95 10.18 -5.05
CA TYR A 152 -4.92 9.68 -6.46
C TYR A 152 -4.09 8.39 -6.49
N VAL A 153 -2.91 8.49 -5.87
CA VAL A 153 -1.94 7.43 -5.88
C VAL A 153 -2.33 6.37 -4.87
N LEU A 154 -2.93 6.77 -3.76
CA LEU A 154 -3.24 5.82 -2.74
C LEU A 154 -4.24 4.84 -3.33
N GLY A 155 -5.13 5.35 -4.17
CA GLY A 155 -6.25 4.55 -4.65
C GLY A 155 -6.05 3.95 -6.03
N HIS A 156 -5.13 4.51 -6.83
CA HIS A 156 -4.85 3.99 -8.19
C HIS A 156 -3.40 3.64 -8.51
N PRO A 157 -2.78 2.76 -7.68
CA PRO A 157 -1.30 2.54 -7.75
C PRO A 157 -0.80 2.04 -9.12
N ASP A 158 -1.64 1.31 -9.86
CA ASP A 158 -1.36 0.84 -11.23
C ASP A 158 -1.72 1.80 -12.40
N SER A 159 -2.42 2.91 -12.13
CA SER A 159 -2.71 3.90 -13.19
C SER A 159 -1.48 4.34 -13.96
N GLY A 160 -1.61 4.44 -15.28
CA GLY A 160 -0.56 4.98 -16.10
C GLY A 160 -0.23 6.45 -15.83
N ARG A 161 -0.95 7.06 -14.89
CA ARG A 161 -0.88 8.44 -14.52
C ARG A 161 0.16 8.76 -13.41
N VAL A 162 0.50 7.70 -12.65
CA VAL A 162 1.31 7.82 -11.43
C VAL A 162 2.63 8.62 -11.60
N GLN A 163 3.32 8.41 -12.71
CA GLN A 163 4.59 9.06 -12.97
C GLN A 163 4.38 10.58 -12.91
N ALA A 164 3.41 11.08 -13.67
CA ALA A 164 3.07 12.49 -13.66
C ALA A 164 2.59 12.96 -12.29
N MSE A 165 1.85 12.12 -11.58
CA MSE A 165 1.36 12.47 -10.26
C MSE A 165 2.50 12.67 -9.30
O MSE A 165 2.49 13.65 -8.54
CB MSE A 165 0.42 11.41 -9.69
CG MSE A 165 -0.79 11.36 -10.59
SE MSE A 165 -2.01 12.81 -10.09
CE MSE A 165 -3.44 12.44 -11.41
N ASN A 166 3.47 11.75 -9.34
CA ASN A 166 4.64 11.81 -8.47
C ASN A 166 5.46 13.04 -8.74
N ALA A 167 5.60 13.36 -10.02
CA ALA A 167 6.27 14.57 -10.45
C ALA A 167 5.54 15.79 -9.89
N LEU A 168 4.22 15.69 -9.78
CA LEU A 168 3.46 16.83 -9.31
C LEU A 168 3.58 16.86 -7.79
N LEU A 169 3.63 15.67 -7.21
CA LEU A 169 3.63 15.58 -5.78
C LEU A 169 4.92 16.22 -5.26
N ASN A 170 6.05 15.83 -5.84
CA ASN A 170 7.35 16.39 -5.46
C ASN A 170 7.30 17.91 -5.46
N GLN A 171 6.65 18.45 -6.49
CA GLN A 171 6.53 19.89 -6.69
C GLN A 171 5.75 20.60 -5.58
N VAL A 172 4.62 20.01 -5.23
CA VAL A 172 3.75 20.47 -4.14
C VAL A 172 4.47 20.51 -2.78
N ASN A 173 5.28 19.50 -2.50
CA ASN A 173 5.92 19.37 -1.21
C ASN A 173 7.09 20.30 -1.09
N SER A 174 7.69 20.58 -2.24
CA SER A 174 8.68 21.61 -2.37
C SER A 174 8.00 22.95 -2.09
N ARG A 175 6.78 23.11 -2.59
CA ARG A 175 6.03 24.36 -2.40
C ARG A 175 5.60 24.55 -0.94
N LEU A 176 5.06 23.50 -0.34
CA LEU A 176 4.66 23.51 1.06
C LEU A 176 5.82 23.83 2.01
N GLU A 177 6.99 23.28 1.68
CA GLU A 177 8.19 23.42 2.50
C GLU A 177 8.67 24.86 2.46
N ALA A 178 8.79 25.42 1.27
CA ALA A 178 9.25 26.79 1.09
C ALA A 178 8.30 27.79 1.75
N VAL A 179 7.00 27.51 1.60
CA VAL A 179 5.95 28.45 1.97
C VAL A 179 5.62 28.43 3.47
N SER A 180 5.65 27.23 4.07
CA SER A 180 5.21 27.03 5.45
C SER A 180 6.07 27.80 6.43
N VAL A 181 7.31 28.03 6.05
CA VAL A 181 8.21 28.89 6.80
C VAL A 181 7.54 30.25 7.08
N LEU A 182 6.73 30.72 6.14
CA LEU A 182 6.14 32.06 6.22
C LEU A 182 4.63 32.11 6.51
N VAL A 183 3.95 30.96 6.44
CA VAL A 183 2.54 30.87 6.84
C VAL A 183 2.44 31.27 8.32
N VAL A 184 1.45 32.08 8.67
CA VAL A 184 1.43 32.66 10.01
C VAL A 184 0.97 31.66 11.07
N SER A 185 -0.25 31.15 10.93
CA SER A 185 -0.78 30.16 11.87
C SER A 185 0.06 28.86 11.90
N GLU A 186 0.04 28.13 10.78
CA GLU A 186 0.71 26.83 10.63
C GLU A 186 -0.16 25.65 11.09
N GLN A 187 -1.19 25.95 11.89
CA GLN A 187 -2.04 24.91 12.50
C GLN A 187 -2.83 24.05 11.49
N SER A 188 -3.32 24.67 10.43
CA SER A 188 -4.06 23.96 9.38
C SER A 188 -3.21 22.88 8.70
N ILE A 189 -1.90 23.12 8.62
CA ILE A 189 -0.96 22.14 8.07
C ILE A 189 -0.89 20.92 8.99
N LYS A 190 -1.39 19.81 8.46
CA LYS A 190 -1.47 18.55 9.17
C LYS A 190 -0.21 17.71 8.93
N ALA A 191 0.47 17.41 10.04
CA ALA A 191 1.74 16.67 10.07
C ALA A 191 1.73 15.45 9.14
N HIS A 192 2.87 15.22 8.50
CA HIS A 192 3.00 14.11 7.57
C HIS A 192 2.74 12.79 8.25
N ASP A 193 2.79 12.79 9.58
CA ASP A 193 2.56 11.55 10.35
C ASP A 193 1.27 11.52 11.21
N SER A 194 0.28 12.34 10.85
CA SER A 194 -1.01 12.39 11.52
C SER A 194 -1.85 11.26 11.03
N PHE A 195 -2.87 10.90 11.80
CA PHE A 195 -3.89 9.99 11.27
C PHE A 195 -4.64 10.72 10.18
N SER A 196 -4.95 12.00 10.43
CA SER A 196 -5.56 12.87 9.43
C SER A 196 -4.83 12.82 8.09
N HIS A 197 -3.51 12.84 8.08
CA HIS A 197 -2.81 12.99 6.80
C HIS A 197 -2.97 11.77 5.97
N LEU A 198 -3.25 10.67 6.65
CA LEU A 198 -3.60 9.44 5.98
C LEU A 198 -5.04 9.60 5.58
N TYR A 199 -5.95 9.74 6.57
CA TYR A 199 -7.40 9.62 6.31
C TYR A 199 -7.88 10.53 5.18
N ASP A 200 -7.31 11.72 5.10
CA ASP A 200 -7.58 12.68 4.05
C ASP A 200 -7.44 12.14 2.65
N GLN A 201 -6.56 11.16 2.48
CA GLN A 201 -6.34 10.55 1.18
C GLN A 201 -7.49 9.64 0.72
N LEU A 202 -8.30 9.14 1.65
CA LEU A 202 -9.36 8.21 1.24
C LEU A 202 -10.41 8.85 0.33
N ASP A 203 -10.56 10.17 0.43
CA ASP A 203 -11.61 10.87 -0.30
C ASP A 203 -11.42 10.75 -1.79
N ASN A 204 -10.19 10.90 -2.25
CA ASN A 204 -9.94 10.85 -3.68
C ASN A 204 -9.35 9.52 -4.13
N ALA A 205 -9.10 8.63 -3.17
CA ALA A 205 -8.69 7.26 -3.42
C ALA A 205 -9.80 6.49 -4.07
N ASN A 206 -11.02 6.80 -3.66
CA ASN A 206 -12.15 5.94 -4.02
C ASN A 206 -11.87 4.42 -3.87
N LEU A 207 -11.25 4.04 -2.76
CA LEU A 207 -10.89 2.62 -2.57
C LEU A 207 -12.07 1.75 -2.12
N LYS A 208 -12.23 0.60 -2.78
CA LYS A 208 -13.10 -0.49 -2.33
C LYS A 208 -12.68 -0.81 -0.90
N GLU A 209 -13.62 -0.96 0.00
CA GLU A 209 -13.26 -1.10 1.42
C GLU A 209 -12.50 -2.36 1.83
N SER A 210 -12.56 -3.43 1.02
CA SER A 210 -11.81 -4.66 1.34
C SER A 210 -10.31 -4.54 1.06
N LYS A 211 -9.95 -3.58 0.21
CA LYS A 211 -8.54 -3.28 -0.08
C LYS A 211 -7.76 -3.04 1.23
N HIS A 212 -6.57 -3.64 1.31
CA HIS A 212 -5.65 -3.50 2.46
C HIS A 212 -4.72 -2.36 2.24
N LEU A 213 -4.25 -1.77 3.34
CA LEU A 213 -3.11 -0.89 3.28
C LEU A 213 -1.80 -1.66 3.49
N TYR A 214 -0.81 -1.34 2.71
CA TYR A 214 0.51 -1.85 2.93
C TYR A 214 1.44 -0.65 3.07
N LEU A 215 2.71 -0.99 3.36
CA LEU A 215 3.76 -0.04 3.48
C LEU A 215 4.82 -0.38 2.45
N ASP A 216 5.48 0.64 1.93
CA ASP A 216 6.51 0.46 0.92
C ASP A 216 7.90 0.46 1.54
N GLY A 217 8.94 0.54 0.69
CA GLY A 217 10.32 0.58 1.17
C GLY A 217 10.74 1.92 1.73
N ASN A 218 9.75 2.66 2.24
CA ASN A 218 9.96 3.91 2.96
C ASN A 218 9.01 3.92 4.12
N GLY A 219 8.31 2.82 4.32
CA GLY A 219 7.27 2.75 5.33
C GLY A 219 6.18 3.81 5.16
N ASP A 220 5.85 4.18 3.92
CA ASP A 220 4.69 5.01 3.66
C ASP A 220 3.47 4.14 3.29
N PHE A 221 2.29 4.67 3.54
CA PHE A 221 1.08 4.00 3.21
C PHE A 221 0.86 3.98 1.70
N VAL A 222 0.37 2.85 1.21
CA VAL A 222 0.41 2.53 -0.19
C VAL A 222 -0.65 1.46 -0.27
N THR A 223 -1.18 1.21 -1.48
CA THR A 223 -1.99 0.01 -1.72
C THR A 223 -1.33 -0.69 -2.89
N LYS A 224 -1.57 -1.98 -3.03
CA LYS A 224 -0.89 -2.72 -4.05
C LYS A 224 -1.85 -3.48 -4.90
N GLY A 225 -1.67 -3.44 -6.20
CA GLY A 225 -2.48 -4.23 -7.08
C GLY A 225 -1.73 -5.32 -7.79
N LYS A 226 -0.63 -4.98 -8.41
CA LYS A 226 0.02 -5.92 -9.28
C LYS A 226 1.16 -6.72 -8.67
N GLY A 227 1.82 -6.15 -7.70
CA GLY A 227 2.95 -6.82 -7.08
C GLY A 227 2.33 -7.45 -5.90
N ASN A 228 1.02 -7.54 -5.99
CA ASN A 228 0.12 -7.79 -4.91
C ASN A 228 0.33 -9.10 -4.19
N LEU A 229 0.60 -10.18 -4.89
CA LEU A 229 0.43 -11.51 -4.36
C LEU A 229 1.22 -11.84 -3.12
N ALA A 230 2.45 -11.38 -3.10
CA ALA A 230 3.40 -11.56 -1.98
C ALA A 230 2.83 -10.99 -0.70
N ASN A 231 2.51 -9.69 -0.73
CA ASN A 231 1.84 -9.02 0.37
C ASN A 231 0.58 -9.77 0.79
N ILE A 232 -0.21 -10.24 -0.18
CA ILE A 232 -1.45 -10.95 0.16
C ILE A 232 -1.14 -12.21 0.97
N ASP A 233 -0.04 -12.86 0.61
CA ASP A 233 0.34 -14.10 1.30
C ASP A 233 0.94 -13.86 2.68
N LYS A 234 1.65 -12.74 2.85
CA LYS A 234 2.32 -12.48 4.12
C LYS A 234 1.57 -11.55 5.08
N LEU A 235 0.30 -11.81 5.34
CA LEU A 235 -0.52 -10.84 6.05
C LEU A 235 -0.37 -10.78 7.59
N GLY A 236 -0.52 -11.92 8.25
CA GLY A 236 -0.24 -11.98 9.68
C GLY A 236 1.24 -11.75 10.04
N GLY A 237 2.12 -11.75 9.03
CA GLY A 237 3.56 -11.79 9.23
C GLY A 237 4.17 -10.59 9.92
N SER A 238 3.58 -9.42 9.72
CA SER A 238 4.08 -8.19 10.31
C SER A 238 2.93 -7.29 10.73
N ASP A 239 3.14 -6.55 11.81
CA ASP A 239 2.16 -5.59 12.29
C ASP A 239 2.61 -4.17 12.04
N ALA A 240 3.61 -3.99 11.18
CA ALA A 240 4.11 -2.65 10.93
C ALA A 240 2.99 -1.69 10.46
N VAL A 241 1.98 -2.21 9.78
CA VAL A 241 0.91 -1.36 9.23
C VAL A 241 -0.05 -0.92 10.30
N LEU A 242 -0.58 -1.87 11.06
CA LEU A 242 -1.44 -1.57 12.18
C LEU A 242 -0.74 -0.67 13.17
N GLU A 243 0.56 -0.88 13.38
CA GLU A 243 1.32 -0.07 14.33
C GLU A 243 1.64 1.32 13.82
N LYS A 244 1.75 1.46 12.50
CA LYS A 244 1.90 2.78 11.89
C LYS A 244 0.62 3.58 12.11
N VAL A 245 -0.53 2.96 11.87
CA VAL A 245 -1.79 3.67 12.02
C VAL A 245 -1.93 4.11 13.49
N LYS A 246 -1.70 3.19 14.42
CA LYS A 246 -1.67 3.50 15.87
C LYS A 246 -0.69 4.61 16.18
N ALA A 247 0.47 4.59 15.54
CA ALA A 247 1.46 5.62 15.78
C ALA A 247 0.96 6.97 15.30
N ALA A 248 0.19 6.95 14.22
CA ALA A 248 -0.34 8.16 13.60
C ALA A 248 -1.39 8.81 14.51
N VAL A 249 -2.41 8.04 14.91
CA VAL A 249 -3.40 8.47 15.88
C VAL A 249 -2.73 9.11 17.10
N SER A 250 -1.80 8.37 17.68
CA SER A 250 -1.06 8.85 18.83
C SER A 250 -0.29 10.14 18.59
N HIS A 251 0.38 10.31 17.44
CA HIS A 251 1.11 11.56 17.19
C HIS A 251 0.19 12.75 17.16
N GLU A 252 -1.09 12.50 16.85
CA GLU A 252 -2.06 13.59 16.67
C GLU A 252 -3.00 13.80 17.86
N TYR A 253 -3.36 12.71 18.51
CA TYR A 253 -4.39 12.73 19.54
C TYR A 253 -3.86 12.28 20.90
N GLY A 254 -2.57 11.96 20.94
CA GLY A 254 -1.92 11.50 22.16
C GLY A 254 -2.09 10.03 22.40
N GLN A 255 -1.23 9.46 23.25
CA GLN A 255 -1.28 8.04 23.53
C GLN A 255 -2.57 7.61 24.22
N VAL A 256 -3.22 8.51 24.95
CA VAL A 256 -4.41 8.17 25.69
C VAL A 256 -5.57 7.81 24.73
N VAL A 257 -5.83 8.69 23.77
CA VAL A 257 -6.77 8.40 22.69
C VAL A 257 -6.41 7.11 21.93
N ALA A 258 -5.14 6.94 21.57
CA ALA A 258 -4.74 5.78 20.77
C ALA A 258 -4.94 4.48 21.55
N ASP A 259 -4.55 4.49 22.82
CA ASP A 259 -4.74 3.35 23.71
C ASP A 259 -6.19 2.96 23.72
N THR A 260 -7.04 3.96 23.96
CA THR A 260 -8.45 3.76 24.28
C THR A 260 -9.23 3.19 23.12
N ILE A 261 -9.05 3.78 21.94
CA ILE A 261 -9.82 3.39 20.80
C ILE A 261 -9.34 2.08 20.18
N PHE A 262 -8.05 1.75 20.28
CA PHE A 262 -7.58 0.44 19.79
C PHE A 262 -7.89 -0.69 20.75
N ALA A 263 -8.20 -0.30 21.99
CA ALA A 263 -8.49 -1.25 23.04
C ALA A 263 -9.83 -1.90 22.75
N GLY A 264 -10.67 -1.19 22.01
CA GLY A 264 -11.99 -1.67 21.70
C GLY A 264 -12.21 -1.82 20.21
N LEU A 265 -11.13 -2.06 19.46
CA LEU A 265 -11.22 -2.46 18.06
C LEU A 265 -10.59 -3.83 17.88
N SER A 266 -11.41 -4.80 17.50
CA SER A 266 -10.97 -6.19 17.31
C SER A 266 -10.05 -6.31 16.10
N ALA A 267 -9.53 -7.50 15.81
CA ALA A 267 -8.79 -7.71 14.56
C ALA A 267 -9.69 -7.76 13.34
N ASN A 268 -10.91 -8.24 13.49
CA ASN A 268 -11.87 -8.32 12.37
C ASN A 268 -12.61 -7.01 12.18
N ASP A 269 -12.66 -6.18 13.20
CA ASP A 269 -13.15 -4.80 13.00
C ASP A 269 -12.14 -4.13 12.08
N LEU A 270 -10.87 -4.43 12.34
CA LEU A 270 -9.78 -3.82 11.64
C LEU A 270 -9.59 -4.34 10.19
N ALA A 271 -10.03 -5.57 9.92
CA ALA A 271 -9.93 -6.13 8.55
C ALA A 271 -10.81 -7.33 8.26
N LYS A 272 -11.49 -7.31 7.11
CA LYS A 272 -12.45 -8.34 6.74
C LYS A 272 -11.93 -9.73 7.06
N ASP A 273 -10.64 -9.96 6.75
CA ASP A 273 -10.03 -11.28 6.89
C ASP A 273 -9.35 -11.47 8.23
N GLY A 274 -9.28 -10.40 9.02
CA GLY A 274 -8.73 -10.45 10.38
C GLY A 274 -7.22 -10.34 10.47
N LYS A 275 -6.60 -9.75 9.44
CA LYS A 275 -5.16 -9.56 9.36
C LYS A 275 -4.83 -8.16 8.76
N GLY A 276 -4.02 -7.39 9.48
CA GLY A 276 -3.68 -6.02 9.07
C GLY A 276 -4.80 -4.97 9.18
N ILE A 277 -4.99 -4.20 8.11
CA ILE A 277 -5.97 -3.15 8.07
C ILE A 277 -6.45 -2.96 6.66
N ASP A 278 -7.72 -3.18 6.41
CA ASP A 278 -8.29 -2.77 5.15
C ASP A 278 -8.93 -1.37 5.32
N ILE A 279 -9.55 -0.85 4.27
CA ILE A 279 -10.20 0.48 4.35
C ILE A 279 -11.46 0.57 5.23
N ALA A 280 -12.28 -0.48 5.22
CA ALA A 280 -13.38 -0.57 6.15
C ALA A 280 -12.83 -0.38 7.57
N GLY A 281 -11.75 -1.11 7.90
CA GLY A 281 -11.13 -1.00 9.22
C GLY A 281 -10.70 0.43 9.50
N LEU A 282 -10.04 1.05 8.52
CA LEU A 282 -9.51 2.38 8.71
C LEU A 282 -10.62 3.38 9.03
N ASN A 283 -11.77 3.24 8.37
CA ASN A 283 -12.97 3.99 8.77
C ASN A 283 -13.45 3.72 10.19
N LYS A 284 -13.29 2.49 10.67
CA LYS A 284 -13.72 2.22 12.03
C LYS A 284 -12.79 2.91 13.02
N VAL A 285 -11.49 2.92 12.72
CA VAL A 285 -10.57 3.75 13.50
C VAL A 285 -10.98 5.23 13.46
N HIS A 286 -11.39 5.72 12.29
CA HIS A 286 -11.81 7.10 12.14
C HIS A 286 -12.98 7.48 13.03
N GLN A 287 -14.04 6.68 12.93
CA GLN A 287 -15.25 6.95 13.64
C GLN A 287 -15.00 6.83 15.13
N ALA A 288 -14.28 5.77 15.53
CA ALA A 288 -13.93 5.56 16.94
C ALA A 288 -13.32 6.78 17.53
N ILE A 289 -12.36 7.39 16.84
CA ILE A 289 -11.71 8.59 17.36
C ILE A 289 -12.77 9.65 17.57
N GLU A 290 -13.62 9.83 16.56
CA GLU A 290 -14.74 10.78 16.62
C GLU A 290 -15.62 10.62 17.88
N GLN A 291 -16.22 9.44 18.10
CA GLN A 291 -17.05 9.23 19.30
C GLN A 291 -16.30 9.62 20.56
N HIS A 292 -15.04 9.19 20.68
CA HIS A 292 -14.18 9.60 21.78
C HIS A 292 -14.09 11.11 21.98
N MSE A 293 -13.75 11.84 20.92
CA MSE A 293 -13.55 13.29 21.05
C MSE A 293 -14.84 14.09 21.15
O MSE A 293 -14.80 15.23 21.60
CB MSE A 293 -12.79 13.87 19.87
CG MSE A 293 -11.59 13.05 19.46
SE MSE A 293 -10.16 13.44 20.73
CE MSE A 293 -9.65 15.29 20.28
N SER A 294 -15.95 13.52 20.71
CA SER A 294 -17.21 14.24 20.56
C SER A 294 -18.34 13.24 20.47
N PRO A 295 -18.99 12.96 21.59
CA PRO A 295 -20.05 11.94 21.65
C PRO A 295 -21.20 12.17 20.68
N VAL A 296 -21.69 13.41 20.53
CA VAL A 296 -22.78 13.67 19.57
C VAL A 296 -22.26 14.12 18.20
N SER A 297 -22.73 13.44 17.15
CA SER A 297 -22.32 13.74 15.77
C SER A 297 -23.00 15.00 15.24
N ALA A 298 -24.30 15.11 15.50
CA ALA A 298 -25.09 16.21 14.94
C ALA A 298 -26.27 16.53 15.83
N THR A 299 -26.73 17.78 15.77
CA THR A 299 -28.03 18.15 16.33
C THR A 299 -29.02 18.65 15.28
N MSE A 300 -30.16 17.96 15.19
CA MSE A 300 -31.21 18.39 14.31
C MSE A 300 -32.14 19.32 15.06
O MSE A 300 -32.60 18.99 16.14
CB MSE A 300 -31.96 17.15 13.80
CG MSE A 300 -33.15 17.51 12.93
SE MSE A 300 -33.91 15.82 12.33
CE MSE A 300 -34.74 15.16 13.96
N TYR A 301 -32.40 20.48 14.45
CA TYR A 301 -33.45 21.43 14.89
C TYR A 301 -34.75 21.35 14.06
N ILE A 302 -35.89 21.24 14.73
CA ILE A 302 -37.18 21.26 14.05
C ILE A 302 -38.10 22.29 14.68
N TRP A 303 -38.34 23.39 13.98
CA TRP A 303 -39.28 24.43 14.41
C TRP A 303 -40.70 24.10 14.03
N LYS A 304 -41.57 23.88 15.02
CA LYS A 304 -43.00 23.67 14.79
C LYS A 304 -43.78 24.91 15.26
N PRO A 305 -44.10 25.83 14.31
CA PRO A 305 -44.87 27.03 14.68
C PRO A 305 -46.29 26.67 15.09
N SER A 306 -46.79 27.35 16.13
CA SER A 306 -48.17 27.16 16.61
C SER A 306 -49.24 27.35 15.52
N ASP A 307 -48.85 27.97 14.40
CA ASP A 307 -49.45 27.67 13.10
C ASP A 307 -50.39 28.75 12.59
N HIS A 308 -49.84 29.65 11.78
CA HIS A 308 -50.63 30.60 11.02
C HIS A 308 -51.05 29.95 9.71
N SER A 309 -51.35 28.64 9.75
CA SER A 309 -51.33 27.77 8.56
C SER A 309 -49.90 27.87 8.02
N ALA A 310 -48.96 27.99 8.97
CA ALA A 310 -47.58 28.42 8.72
C ALA A 310 -46.59 27.28 8.45
N LEU A 311 -45.38 27.66 8.04
CA LEU A 311 -44.35 26.73 7.58
C LEU A 311 -43.42 26.30 8.71
N GLY A 312 -43.12 25.00 8.79
CA GLY A 312 -42.17 24.46 9.76
C GLY A 312 -40.76 24.59 9.21
N HIS A 313 -39.76 24.53 10.08
CA HIS A 313 -38.38 24.66 9.62
C HIS A 313 -37.50 23.57 10.12
N ALA A 314 -36.46 23.25 9.35
CA ALA A 314 -35.43 22.29 9.76
C ALA A 314 -34.02 22.80 9.47
N ALA A 315 -33.10 22.45 10.36
CA ALA A 315 -31.67 22.71 10.19
C ALA A 315 -30.90 21.62 10.92
N LEU A 316 -29.60 21.53 10.65
CA LEU A 316 -28.74 20.55 11.30
C LEU A 316 -27.39 21.18 11.62
N GLN A 317 -26.97 21.03 12.87
CA GLN A 317 -25.62 21.42 13.23
C GLN A 317 -24.77 20.18 13.29
N ILE A 318 -23.76 20.18 12.43
CA ILE A 318 -22.78 19.11 12.41
C ILE A 318 -21.82 19.42 13.55
N GLY A 319 -21.52 18.43 14.37
CA GLY A 319 -20.50 18.60 15.42
C GLY A 319 -19.08 18.81 14.91
N GLN A 320 -18.10 18.72 15.81
CA GLN A 320 -16.70 18.93 15.43
C GLN A 320 -15.93 17.64 15.16
N GLY A 321 -16.55 16.50 15.44
CA GLY A 321 -15.87 15.21 15.38
C GLY A 321 -14.43 15.22 15.88
N ARG A 322 -13.55 14.67 15.06
CA ARG A 322 -12.14 14.46 15.37
C ARG A 322 -11.38 15.77 15.30
N THR A 323 -12.01 16.80 14.78
CA THR A 323 -11.29 18.01 14.41
C THR A 323 -10.80 18.73 15.66
N GLN A 324 -9.54 19.16 15.60
CA GLN A 324 -8.89 19.85 16.71
C GLN A 324 -8.59 21.26 16.28
N LEU A 325 -9.45 22.18 16.70
CA LEU A 325 -9.30 23.59 16.40
C LEU A 325 -9.59 24.35 17.66
N GLU A 326 -9.00 25.53 17.78
CA GLU A 326 -9.16 26.33 18.98
C GLU A 326 -9.56 27.76 18.70
N GLY A 327 -10.16 28.40 19.71
CA GLY A 327 -10.54 29.82 19.68
C GLY A 327 -11.46 30.21 18.53
N GLN A 328 -11.15 31.34 17.93
CA GLN A 328 -11.90 31.90 16.81
C GLN A 328 -12.15 30.93 15.67
N ALA A 329 -11.10 30.19 15.31
CA ALA A 329 -11.18 29.22 14.21
C ALA A 329 -12.16 28.09 14.51
N ALA A 330 -12.38 27.81 15.79
CA ALA A 330 -13.33 26.76 16.15
C ALA A 330 -14.76 27.26 16.00
N ALA A 331 -14.97 28.54 16.33
CA ALA A 331 -16.26 29.19 16.18
C ALA A 331 -16.64 29.30 14.69
N ASP A 332 -15.66 29.70 13.88
CA ASP A 332 -15.83 29.76 12.44
C ASP A 332 -16.22 28.41 11.91
N PHE A 333 -15.45 27.37 12.27
CA PHE A 333 -15.71 25.99 11.85
C PHE A 333 -17.15 25.57 12.20
N ASN A 334 -17.56 25.96 13.41
CA ASN A 334 -18.91 25.71 13.88
C ASN A 334 -19.98 26.30 12.96
N LYS A 335 -19.86 27.59 12.66
CA LYS A 335 -20.82 28.30 11.81
C LYS A 335 -20.88 27.69 10.41
N GLN A 336 -19.71 27.35 9.85
CA GLN A 336 -19.64 26.72 8.53
C GLN A 336 -20.18 25.29 8.49
N ASN A 337 -20.32 24.65 9.65
CA ASN A 337 -20.88 23.30 9.72
C ASN A 337 -22.35 23.31 9.96
N TYR A 338 -22.98 24.48 9.82
CA TYR A 338 -24.41 24.61 10.05
C TYR A 338 -25.18 24.51 8.72
N VAL A 339 -26.09 23.54 8.68
CA VAL A 339 -26.76 23.13 7.45
C VAL A 339 -28.15 23.78 7.38
N SER A 340 -28.44 24.46 6.28
CA SER A 340 -29.72 25.09 6.02
C SER A 340 -29.88 25.17 4.49
N TRP A 341 -30.66 26.12 4.00
CA TRP A 341 -30.92 26.24 2.57
C TRP A 341 -29.88 27.10 1.89
N TRP A 342 -28.84 27.46 2.63
CA TRP A 342 -27.76 28.34 2.13
C TRP A 342 -26.72 28.37 3.20
N PRO A 343 -25.44 28.39 2.80
CA PRO A 343 -24.37 28.43 3.80
C PRO A 343 -24.45 29.70 4.63
N LEU A 344 -24.21 29.54 5.92
CA LEU A 344 -24.53 30.58 6.91
C LEU A 344 -23.69 31.86 6.81
N GLY A 345 -22.40 31.74 6.53
CA GLY A 345 -21.53 32.92 6.43
C GLY A 345 -21.92 33.83 5.27
N SER A 346 -22.32 33.19 4.18
CA SER A 346 -22.70 33.84 2.94
C SER A 346 -24.11 34.42 3.00
N LYS A 347 -25.02 33.72 3.69
CA LYS A 347 -26.40 34.19 3.88
C LYS A 347 -26.33 35.53 4.56
N SER A 348 -25.58 35.52 5.66
CA SER A 348 -25.36 36.63 6.56
C SER A 348 -24.86 37.88 5.83
N SER A 349 -23.78 37.70 5.06
CA SER A 349 -23.17 38.78 4.29
C SER A 349 -24.08 39.25 3.16
N ASN A 350 -24.66 38.31 2.42
CA ASN A 350 -25.63 38.65 1.40
C ASN A 350 -26.69 39.59 1.98
N ILE A 351 -27.28 39.20 3.11
CA ILE A 351 -28.29 40.05 3.78
C ILE A 351 -27.79 41.45 4.09
N ARG A 352 -26.59 41.58 4.65
CA ARG A 352 -26.03 42.92 4.92
C ARG A 352 -25.76 43.70 3.62
N ASN A 353 -25.17 43.02 2.65
CA ASN A 353 -24.68 43.61 1.41
C ASN A 353 -25.77 44.36 0.65
N ILE A 354 -26.97 43.80 0.65
CA ILE A 354 -28.08 44.41 -0.09
C ILE A 354 -28.60 45.68 0.59
N PHE A 355 -28.13 45.97 1.80
CA PHE A 355 -28.52 47.19 2.50
C PHE A 355 -27.34 48.11 2.84
N ASN A 356 -26.36 47.56 3.58
CA ASN A 356 -25.17 48.31 4.02
C ASN A 356 -24.46 49.06 2.91
N ASP A 364 -25.04 43.08 15.09
CA ASP A 364 -24.80 41.85 14.33
C ASP A 364 -26.00 40.89 14.36
N LEU A 365 -26.13 40.09 13.30
CA LEU A 365 -27.26 39.17 13.16
C LEU A 365 -26.84 37.72 13.30
N LYS A 366 -27.63 36.98 14.07
CA LYS A 366 -27.40 35.57 14.35
C LYS A 366 -28.55 34.76 13.75
N LEU A 367 -28.21 33.85 12.83
CA LEU A 367 -29.22 33.14 12.05
C LEU A 367 -29.24 31.62 12.21
N ARG A 368 -29.09 31.12 13.44
CA ARG A 368 -29.15 29.67 13.68
C ARG A 368 -30.21 29.27 14.68
N TRP A 369 -30.79 28.09 14.49
CA TRP A 369 -31.81 27.61 15.42
C TRP A 369 -31.28 27.34 16.80
N SER A 370 -29.99 27.05 16.89
CA SER A 370 -29.30 26.97 18.17
C SER A 370 -29.40 28.30 18.94
N ASP A 371 -29.34 29.43 18.22
CA ASP A 371 -29.49 30.79 18.80
C ASP A 371 -30.83 31.07 19.46
N PHE A 372 -31.85 30.30 19.12
CA PHE A 372 -33.17 30.54 19.69
C PHE A 372 -33.69 29.32 20.46
N SER A 373 -32.79 28.48 20.93
CA SER A 373 -33.22 27.34 21.73
C SER A 373 -32.91 27.52 23.21
N GLN A 374 -32.39 28.68 23.54
CA GLN A 374 -32.26 29.07 24.92
C GLN A 374 -33.64 29.41 25.48
N PRO A 375 -33.81 29.27 26.80
CA PRO A 375 -35.11 29.48 27.42
C PRO A 375 -35.09 30.39 28.64
N ALA A 376 -34.91 31.70 28.45
CA ALA A 376 -35.15 32.68 29.53
C ALA A 376 -34.08 33.03 30.58
N HIS A 377 -32.84 32.55 30.43
CA HIS A 377 -31.69 33.04 31.18
C HIS A 377 -30.48 33.45 30.31
N GLN A 378 -30.77 34.00 29.12
CA GLN A 378 -29.75 34.45 28.17
C GLN A 378 -28.81 33.32 27.73
N GLY A 395 -30.08 43.61 13.48
CA GLY A 395 -30.77 42.53 14.19
C GLY A 395 -31.95 41.97 13.41
N LEU A 396 -32.95 41.47 14.15
CA LEU A 396 -34.16 40.86 13.57
C LEU A 396 -35.33 41.85 13.40
N ASN A 397 -35.04 43.14 13.53
CA ASN A 397 -36.05 44.18 13.35
C ASN A 397 -35.69 45.13 12.22
N ASP A 398 -34.44 45.62 12.23
CA ASP A 398 -33.90 46.44 11.15
C ASP A 398 -33.69 45.58 9.90
N GLY A 399 -33.45 44.29 10.12
CA GLY A 399 -33.27 43.32 9.05
C GLY A 399 -34.59 42.83 8.49
N GLU A 400 -35.59 42.68 9.37
CA GLU A 400 -36.93 42.25 8.97
C GLU A 400 -37.69 43.35 8.23
N THR A 401 -37.55 44.58 8.72
CA THR A 401 -38.15 45.74 8.07
C THR A 401 -37.54 45.95 6.69
N LYS A 402 -36.21 46.03 6.64
CA LYS A 402 -35.48 46.21 5.38
C LYS A 402 -35.86 45.15 4.32
N LEU A 403 -35.95 43.89 4.76
CA LEU A 403 -36.30 42.76 3.88
C LEU A 403 -37.75 42.73 3.43
N LYS A 404 -38.67 43.21 4.28
CA LYS A 404 -40.08 43.31 3.92
C LYS A 404 -40.27 44.35 2.83
N ARG A 405 -39.54 45.46 2.96
CA ARG A 405 -39.59 46.54 2.00
C ARG A 405 -38.68 46.27 0.80
N PHE A 406 -38.14 45.06 0.72
CA PHE A 406 -37.31 44.65 -0.41
C PHE A 406 -38.10 43.73 -1.32
N VAL A 407 -38.72 42.71 -0.73
CA VAL A 407 -39.56 41.77 -1.45
C VAL A 407 -40.71 42.49 -2.14
N GLU A 408 -41.44 43.28 -1.36
CA GLU A 408 -42.58 44.06 -1.86
C GLU A 408 -42.14 45.14 -2.86
N LYS A 409 -40.93 45.67 -2.66
CA LYS A 409 -40.28 46.53 -3.65
C LYS A 409 -39.92 45.75 -4.91
N LEU A 410 -39.59 44.47 -4.74
CA LEU A 410 -39.32 43.57 -5.87
C LEU A 410 -40.60 43.04 -6.51
N ASN A 411 -41.71 43.11 -5.79
CA ASN A 411 -42.99 42.67 -6.31
C ASN A 411 -43.69 43.83 -7.01
N ALA A 412 -42.96 44.46 -7.93
CA ALA A 412 -43.46 45.59 -8.72
C ALA A 412 -42.70 45.67 -10.04
N SER A 424 -37.31 44.41 -14.57
CA SER A 424 -36.08 43.68 -14.23
C SER A 424 -34.82 44.56 -14.36
N GLU A 425 -35.02 45.87 -14.48
CA GLU A 425 -33.95 46.85 -14.47
C GLU A 425 -33.37 47.01 -13.05
N GLY A 426 -34.24 46.92 -12.05
CA GLY A 426 -33.85 47.01 -10.65
C GLY A 426 -32.99 45.83 -10.25
N TYR A 427 -33.35 44.66 -10.78
CA TYR A 427 -32.58 43.42 -10.56
C TYR A 427 -31.10 43.60 -10.83
N ALA A 428 -30.78 44.11 -12.02
CA ALA A 428 -29.40 44.37 -12.44
C ALA A 428 -28.56 45.05 -11.36
N SER A 429 -29.14 46.06 -10.73
CA SER A 429 -28.47 46.81 -9.66
C SER A 429 -28.14 45.93 -8.45
N VAL A 430 -28.98 44.92 -8.21
CA VAL A 430 -28.85 44.07 -7.03
C VAL A 430 -27.75 43.02 -7.18
N LEU A 431 -27.69 42.40 -8.37
CA LEU A 431 -26.70 41.36 -8.66
C LEU A 431 -25.31 41.96 -8.75
N LEU A 432 -25.20 43.09 -9.43
CA LEU A 432 -23.91 43.78 -9.57
C LEU A 432 -23.40 44.25 -8.21
N GLY A 433 -24.34 44.48 -7.28
CA GLY A 433 -24.01 44.70 -5.88
C GLY A 433 -23.56 43.42 -5.19
N ASN A 434 -24.23 42.30 -5.49
CA ASN A 434 -23.89 41.01 -4.89
C ASN A 434 -23.34 39.96 -5.87
N PRO A 435 -22.01 39.97 -6.07
CA PRO A 435 -21.34 39.08 -7.03
C PRO A 435 -21.30 37.63 -6.53
N ASP A 436 -21.28 37.45 -5.22
CA ASP A 436 -21.40 36.15 -4.57
C ASP A 436 -22.70 35.43 -5.00
N MSE A 437 -23.73 36.23 -5.31
CA MSE A 437 -25.03 35.74 -5.70
C MSE A 437 -25.17 35.76 -7.18
O MSE A 437 -25.89 34.94 -7.75
CB MSE A 437 -26.06 36.71 -5.16
CG MSE A 437 -26.52 36.33 -3.76
SE MSE A 437 -27.45 37.89 -3.03
CE MSE A 437 -29.28 37.34 -3.52
N LEU A 438 -24.50 36.70 -7.83
CA LEU A 438 -24.54 36.81 -9.29
C LEU A 438 -23.98 35.56 -9.98
N ALA A 439 -23.00 34.92 -9.35
CA ALA A 439 -22.40 33.69 -9.88
C ALA A 439 -23.32 32.50 -9.73
N SER A 440 -24.32 32.60 -8.87
CA SER A 440 -25.31 31.54 -8.70
C SER A 440 -26.42 31.59 -9.75
N THR A 441 -26.42 32.61 -10.59
CA THR A 441 -27.50 32.77 -11.57
C THR A 441 -27.35 31.86 -12.78
N GLY A 442 -26.18 31.23 -12.93
CA GLY A 442 -25.86 30.44 -14.12
C GLY A 442 -25.22 31.23 -15.27
N ILE A 443 -25.32 32.55 -15.23
CA ILE A 443 -24.60 33.41 -16.19
C ILE A 443 -23.09 33.27 -15.94
N PRO A 444 -22.32 33.01 -17.01
CA PRO A 444 -20.89 32.72 -16.84
C PRO A 444 -20.07 33.96 -16.45
N ALA A 445 -19.08 33.77 -15.61
CA ALA A 445 -18.25 34.85 -15.08
C ALA A 445 -17.81 35.83 -16.15
N HIS A 446 -17.29 35.30 -17.25
CA HIS A 446 -16.71 36.13 -18.31
C HIS A 446 -17.69 37.09 -18.94
N VAL A 447 -18.97 36.83 -18.74
CA VAL A 447 -20.02 37.72 -19.28
C VAL A 447 -20.33 38.87 -18.32
N PHE A 448 -20.53 38.55 -17.03
CA PHE A 448 -20.94 39.57 -16.06
C PHE A 448 -19.80 40.45 -15.52
N GLN A 449 -18.62 39.86 -15.37
CA GLN A 449 -17.48 40.57 -14.76
C GLN A 449 -17.14 41.91 -15.40
N PRO A 450 -17.10 41.98 -16.75
CA PRO A 450 -16.96 43.29 -17.40
C PRO A 450 -17.87 44.37 -16.78
N PHE A 451 -19.13 44.02 -16.54
CA PHE A 451 -20.11 44.94 -15.98
C PHE A 451 -19.89 45.17 -14.47
N VAL A 452 -19.49 44.12 -13.78
CA VAL A 452 -19.28 44.28 -12.37
C VAL A 452 -18.18 45.27 -12.28
N ASP A 453 -17.18 45.07 -13.11
CA ASP A 453 -16.03 45.92 -13.09
C ASP A 453 -16.46 47.31 -13.44
N GLN A 454 -17.31 47.43 -14.43
CA GLN A 454 -17.72 48.75 -14.84
C GLN A 454 -18.41 49.42 -13.67
N TRP A 455 -19.26 48.67 -12.99
CA TRP A 455 -20.03 49.27 -11.92
C TRP A 455 -19.12 49.76 -10.85
N ASN A 456 -18.15 48.93 -10.49
CA ASN A 456 -17.29 49.20 -9.35
C ASN A 456 -16.26 50.32 -9.35
N ASP A 457 -15.49 50.46 -10.42
CA ASP A 457 -14.26 51.23 -10.39
C ASP A 457 -14.43 52.40 -11.35
N THR A 458 -15.11 52.17 -12.46
CA THR A 458 -15.04 53.11 -13.56
C THR A 458 -15.96 54.31 -13.39
N SER A 459 -15.55 55.24 -12.53
CA SER A 459 -16.05 56.60 -12.58
C SER A 459 -17.39 56.84 -11.90
N TYR A 460 -17.98 55.80 -11.36
CA TYR A 460 -19.31 55.88 -10.74
C TYR A 460 -20.41 56.16 -11.76
N ASP A 461 -20.18 55.74 -13.01
CA ASP A 461 -21.16 55.87 -14.09
C ASP A 461 -22.07 54.65 -14.10
N MSE A 462 -22.88 54.53 -13.06
CA MSE A 462 -23.58 53.29 -12.70
C MSE A 462 -24.78 52.91 -13.54
O MSE A 462 -24.88 51.76 -13.98
CB MSE A 462 -24.05 53.40 -11.24
CG MSE A 462 -23.53 52.20 -10.37
SE MSE A 462 -24.06 52.72 -8.46
CE MSE A 462 -22.46 51.93 -7.56
N MSE A 463 -25.68 53.85 -13.78
CA MSE A 463 -27.02 53.53 -14.34
C MSE A 463 -27.00 53.08 -15.77
O MSE A 463 -27.82 52.25 -16.17
CB MSE A 463 -27.98 54.70 -14.14
CG MSE A 463 -28.58 54.72 -12.73
SE MSE A 463 -29.30 52.96 -12.20
CE MSE A 463 -29.71 53.37 -10.31
N ASP A 464 -26.08 53.63 -16.57
CA ASP A 464 -25.90 53.19 -17.96
C ASP A 464 -25.47 51.73 -18.02
N VAL A 465 -24.51 51.39 -17.16
CA VAL A 465 -23.97 50.03 -17.07
C VAL A 465 -25.06 49.04 -16.63
N ALA A 466 -25.76 49.37 -15.55
CA ALA A 466 -26.87 48.57 -15.07
C ALA A 466 -27.88 48.27 -16.17
N ASN A 467 -28.10 49.24 -17.05
CA ASN A 467 -28.98 49.09 -18.20
C ASN A 467 -28.37 48.21 -19.29
N ARG A 468 -27.08 48.42 -19.57
CA ARG A 468 -26.35 47.64 -20.58
C ARG A 468 -26.20 46.18 -20.16
N PHE A 469 -26.08 45.96 -18.86
CA PHE A 469 -26.00 44.62 -18.29
C PHE A 469 -27.31 43.87 -18.49
N ALA A 470 -28.42 44.54 -18.18
CA ALA A 470 -29.77 43.98 -18.37
C ALA A 470 -29.98 43.50 -19.81
N GLU A 471 -29.48 44.30 -20.76
CA GLU A 471 -29.52 43.94 -22.18
C GLU A 471 -28.78 42.62 -22.42
N GLU A 472 -27.58 42.50 -21.85
CA GLU A 472 -26.73 41.33 -22.05
C GLU A 472 -27.39 40.07 -21.50
N LEU A 473 -28.07 40.21 -20.36
CA LEU A 473 -28.79 39.11 -19.73
C LEU A 473 -29.82 38.49 -20.65
N GLN A 474 -30.42 39.32 -21.50
CA GLN A 474 -31.43 38.85 -22.43
C GLN A 474 -30.82 38.22 -23.67
N LYS A 475 -29.65 38.70 -24.10
CA LYS A 475 -28.90 38.06 -25.18
C LYS A 475 -28.38 36.69 -24.72
N GLN A 476 -28.05 36.57 -23.43
CA GLN A 476 -27.61 35.30 -22.84
C GLN A 476 -28.76 34.31 -22.69
N ALA A 477 -29.94 34.80 -22.34
CA ALA A 477 -31.14 33.97 -22.21
C ALA A 477 -31.53 33.34 -23.54
N GLN A 478 -31.33 34.10 -24.62
CA GLN A 478 -31.66 33.63 -25.97
C GLN A 478 -30.64 32.61 -26.48
N ALA A 479 -29.35 32.94 -26.29
CA ALA A 479 -28.24 32.05 -26.66
C ALA A 479 -28.46 30.62 -26.18
N SER A 480 -28.73 30.48 -24.88
CA SER A 480 -28.99 29.19 -24.22
C SER A 480 -30.02 28.27 -24.92
N GLY A 481 -30.97 28.86 -25.62
CA GLY A 481 -32.05 28.11 -26.29
C GLY A 481 -33.15 27.69 -25.33
N ASP A 482 -33.19 28.34 -24.17
CA ASP A 482 -34.22 28.12 -23.15
C ASP A 482 -34.27 29.36 -22.26
N PRO A 483 -34.89 30.44 -22.76
CA PRO A 483 -34.88 31.73 -22.08
C PRO A 483 -35.75 31.76 -20.82
N ALA A 484 -36.93 31.13 -20.89
CA ALA A 484 -37.77 30.94 -19.72
C ALA A 484 -36.88 30.56 -18.54
N LEU A 485 -36.06 29.56 -18.77
CA LEU A 485 -35.24 28.96 -17.74
C LEU A 485 -34.11 29.89 -17.25
N VAL A 486 -33.48 30.61 -18.16
CA VAL A 486 -32.43 31.54 -17.76
C VAL A 486 -33.05 32.65 -16.92
N GLU A 487 -34.13 33.24 -17.42
CA GLU A 487 -34.84 34.30 -16.71
C GLU A 487 -35.40 33.87 -15.33
N LYS A 488 -35.92 32.65 -15.22
CA LYS A 488 -36.42 32.18 -13.92
C LYS A 488 -35.30 32.05 -12.89
N ARG A 489 -34.12 31.63 -13.37
CA ARG A 489 -32.98 31.43 -12.49
C ARG A 489 -32.41 32.74 -11.99
N ILE A 490 -32.34 33.76 -12.80
CA ILE A 490 -31.94 35.06 -12.31
C ILE A 490 -32.97 35.56 -11.33
N ASP A 491 -34.20 35.39 -11.68
CA ASP A 491 -35.24 35.93 -10.87
C ASP A 491 -35.13 35.25 -9.57
N ASN A 492 -34.94 33.95 -9.59
CA ASN A 492 -34.91 33.18 -8.37
C ASN A 492 -33.80 33.55 -7.43
N VAL A 493 -32.62 33.76 -7.98
CA VAL A 493 -31.54 34.10 -7.12
C VAL A 493 -32.01 35.37 -6.53
N VAL A 494 -32.15 36.39 -7.33
CA VAL A 494 -32.44 37.64 -6.68
C VAL A 494 -33.52 37.58 -5.64
N ARG A 495 -34.71 37.18 -6.04
CA ARG A 495 -35.79 37.36 -5.11
C ARG A 495 -36.18 36.21 -4.25
N LEU A 496 -35.76 35.02 -4.66
CA LEU A 496 -36.06 33.83 -3.93
C LEU A 496 -35.32 33.82 -2.62
N PHE A 497 -34.09 34.25 -2.71
CA PHE A 497 -33.20 34.35 -1.57
C PHE A 497 -33.76 35.35 -0.54
N ALA A 498 -34.16 36.53 -1.02
CA ALA A 498 -34.79 37.54 -0.17
C ALA A 498 -35.99 36.96 0.58
N GLU A 499 -36.91 36.36 -0.13
CA GLU A 499 -38.10 35.83 0.49
C GLU A 499 -37.77 34.75 1.48
N ARG A 500 -36.84 33.90 1.14
CA ARG A 500 -36.47 32.81 2.02
C ARG A 500 -35.83 33.27 3.31
N ALA A 501 -34.90 34.19 3.21
CA ALA A 501 -34.29 34.86 4.36
C ALA A 501 -35.32 35.60 5.18
N LEU A 502 -36.22 36.31 4.54
CA LEU A 502 -37.28 37.00 5.27
C LEU A 502 -38.07 35.98 6.09
N GLU A 503 -38.56 34.93 5.44
CA GLU A 503 -39.47 33.98 6.09
C GLU A 503 -38.81 33.31 7.29
N GLU A 504 -37.49 33.15 7.21
CA GLU A 504 -36.70 32.53 8.27
C GLU A 504 -36.57 33.45 9.47
N ILE A 505 -36.13 34.68 9.21
CA ILE A 505 -36.07 35.73 10.21
C ILE A 505 -37.42 35.86 10.94
N GLU A 506 -38.52 35.73 10.20
CA GLU A 506 -39.86 35.81 10.78
C GLU A 506 -40.15 34.64 11.71
N ALA A 507 -39.58 33.47 11.40
CA ALA A 507 -39.74 32.28 12.24
C ALA A 507 -38.96 32.47 13.53
N PHE A 508 -37.73 32.98 13.41
CA PHE A 508 -36.92 33.30 14.57
C PHE A 508 -37.71 34.22 15.47
N LYS A 509 -38.19 35.34 14.92
CA LYS A 509 -39.06 36.24 15.66
C LYS A 509 -40.23 35.51 16.29
N ALA A 510 -40.93 34.71 15.51
CA ALA A 510 -42.04 33.92 16.02
C ALA A 510 -41.63 33.04 17.20
N SER A 511 -40.42 32.49 17.15
CA SER A 511 -39.92 31.71 18.30
C SER A 511 -39.61 32.58 19.55
N GLN A 512 -38.96 33.73 19.34
CA GLN A 512 -38.69 34.69 20.42
C GLN A 512 -39.96 35.17 21.09
N ALA A 513 -40.99 35.39 20.29
CA ALA A 513 -42.29 35.78 20.80
C ALA A 513 -43.12 34.53 21.14
N ASP A 514 -42.43 33.42 21.39
CA ASP A 514 -43.03 32.16 21.85
C ASP A 514 -44.29 31.71 21.10
N GLU A 515 -44.22 31.70 19.76
CA GLU A 515 -45.36 31.32 18.93
C GLU A 515 -45.07 29.98 18.25
N GLY A 516 -44.66 29.00 19.06
CA GLY A 516 -44.29 27.67 18.59
C GLY A 516 -43.17 27.08 19.43
N ARG A 517 -42.61 25.96 18.98
CA ARG A 517 -41.63 25.23 19.77
C ARG A 517 -40.49 24.67 18.90
N VAL A 518 -39.25 24.93 19.31
CA VAL A 518 -38.08 24.42 18.61
C VAL A 518 -37.69 23.08 19.23
N PHE A 519 -37.70 22.03 18.42
CA PHE A 519 -37.34 20.69 18.88
C PHE A 519 -35.89 20.44 18.53
N ARG A 520 -35.21 19.62 19.33
CA ARG A 520 -33.80 19.31 19.10
C ARG A 520 -33.63 17.82 19.23
N ILE A 521 -32.96 17.23 18.27
CA ILE A 521 -32.53 15.89 18.42
C ILE A 521 -31.04 15.85 18.28
N ASN A 522 -30.40 15.34 19.31
CA ASN A 522 -28.97 15.08 19.36
C ASN A 522 -28.69 13.68 18.87
N LEU A 523 -27.89 13.60 17.81
CA LEU A 523 -27.67 12.36 17.10
C LEU A 523 -26.25 11.87 17.33
N GLU A 524 -26.12 10.61 17.71
CA GLU A 524 -24.79 10.03 17.86
C GLU A 524 -24.59 8.91 16.87
N GLY A 525 -23.33 8.55 16.65
CA GLY A 525 -23.02 7.38 15.84
C GLY A 525 -22.82 7.62 14.35
N LEU A 526 -22.95 8.87 13.90
CA LEU A 526 -22.81 9.16 12.47
C LEU A 526 -21.40 9.66 12.10
N ASP A 527 -21.04 9.55 10.82
CA ASP A 527 -19.72 9.93 10.39
C ASP A 527 -19.66 11.44 10.20
N VAL A 528 -19.21 12.13 11.22
CA VAL A 528 -19.12 13.57 11.17
C VAL A 528 -18.31 14.08 9.96
N ALA A 529 -17.10 13.54 9.78
CA ALA A 529 -16.21 14.03 8.73
C ALA A 529 -16.91 13.91 7.39
N ALA A 530 -17.56 12.76 7.20
CA ALA A 530 -18.35 12.48 6.03
C ALA A 530 -19.41 13.55 5.91
N MSE A 531 -20.08 13.87 7.02
CA MSE A 531 -21.18 14.85 6.97
C MSE A 531 -20.62 16.21 6.63
O MSE A 531 -21.22 16.94 5.86
CB MSE A 531 -22.05 14.90 8.22
CG MSE A 531 -22.64 13.53 8.51
SE MSE A 531 -24.13 13.74 9.77
CE MSE A 531 -23.11 13.74 11.44
N GLN A 532 -19.47 16.56 7.21
CA GLN A 532 -18.86 17.86 6.92
C GLN A 532 -18.51 18.01 5.44
N ALA A 533 -17.95 16.96 4.85
CA ALA A 533 -17.56 16.97 3.45
C ALA A 533 -18.78 17.07 2.55
N GLU A 534 -19.83 16.29 2.82
CA GLU A 534 -21.04 16.37 1.99
C GLU A 534 -21.54 17.79 1.96
N TRP A 535 -21.75 18.37 3.14
CA TRP A 535 -22.20 19.73 3.25
C TRP A 535 -21.26 20.67 2.59
N ASN A 536 -19.97 20.35 2.54
CA ASN A 536 -19.04 21.22 1.81
C ASN A 536 -19.31 21.23 0.32
N ARG A 537 -19.51 20.04 -0.24
CA ARG A 537 -19.92 19.93 -1.62
C ARG A 537 -21.10 20.83 -1.85
N LEU A 538 -22.12 20.71 -1.01
CA LEU A 538 -23.42 21.25 -1.31
C LEU A 538 -23.47 22.75 -1.22
N SER A 539 -22.38 23.36 -0.79
CA SER A 539 -22.46 24.76 -0.46
C SER A 539 -21.26 25.56 -0.91
N ASN A 540 -20.26 24.90 -1.48
CA ASN A 540 -19.01 25.59 -1.77
C ASN A 540 -18.79 26.16 -3.15
N ASP A 541 -19.70 25.89 -4.07
CA ASP A 541 -19.67 26.58 -5.36
C ASP A 541 -21.02 27.23 -5.65
N PRO A 542 -21.02 28.29 -6.46
CA PRO A 542 -22.22 29.04 -6.78
C PRO A 542 -23.39 28.20 -7.28
N ASP A 543 -23.13 27.08 -7.94
CA ASP A 543 -24.22 26.23 -8.44
C ASP A 543 -24.85 25.39 -7.35
N ALA A 544 -24.01 24.79 -6.53
CA ALA A 544 -24.43 23.99 -5.41
C ALA A 544 -25.45 24.79 -4.62
N ARG A 545 -25.16 26.09 -4.47
CA ARG A 545 -26.00 26.97 -3.69
C ARG A 545 -27.36 27.20 -4.35
N TYR A 546 -27.35 27.48 -5.66
CA TYR A 546 -28.62 27.60 -6.37
C TYR A 546 -29.47 26.35 -6.18
N GLN A 547 -28.80 25.21 -6.03
CA GLN A 547 -29.51 23.96 -5.85
C GLN A 547 -30.07 23.88 -4.42
N LEU A 548 -29.43 24.56 -3.46
CA LEU A 548 -30.01 24.63 -2.12
C LEU A 548 -31.19 25.58 -2.12
N LEU A 549 -31.01 26.71 -2.81
CA LEU A 549 -32.00 27.77 -2.82
C LEU A 549 -33.35 27.22 -3.26
N THR A 550 -33.31 26.31 -4.23
CA THR A 550 -34.54 25.84 -4.85
C THR A 550 -35.05 24.51 -4.29
N LYS A 551 -34.61 24.13 -3.09
CA LYS A 551 -35.26 23.01 -2.37
C LYS A 551 -35.38 23.27 -0.86
N ASN A 552 -36.25 22.52 -0.17
CA ASN A 552 -36.22 22.39 1.28
C ASN A 552 -34.87 22.24 1.99
N ALA A 553 -34.68 23.05 3.02
CA ALA A 553 -33.76 22.67 4.08
C ALA A 553 -33.91 21.22 4.57
N SER A 554 -35.14 20.76 4.80
CA SER A 554 -35.36 19.37 5.22
C SER A 554 -34.59 18.37 4.37
N SER A 555 -34.55 18.55 3.06
CA SER A 555 -33.95 17.55 2.19
C SER A 555 -32.42 17.65 2.13
N THR A 556 -31.91 18.88 2.10
CA THR A 556 -30.47 19.16 2.21
C THR A 556 -29.90 18.46 3.46
N VAL A 557 -30.54 18.69 4.61
CA VAL A 557 -30.29 17.95 5.84
C VAL A 557 -30.31 16.42 5.64
N ALA A 558 -31.35 15.89 4.98
CA ALA A 558 -31.48 14.44 4.84
C ALA A 558 -30.37 13.88 3.97
N LYS A 559 -29.92 14.67 3.00
CA LYS A 559 -28.81 14.27 2.15
C LYS A 559 -27.53 14.22 3.00
N VAL A 560 -27.36 15.18 3.92
CA VAL A 560 -26.18 15.21 4.79
C VAL A 560 -26.17 14.07 5.82
N LEU A 561 -27.32 13.85 6.49
CA LEU A 561 -27.50 12.63 7.31
C LEU A 561 -27.17 11.34 6.56
N LYS A 562 -27.54 11.25 5.28
CA LYS A 562 -27.36 10.02 4.54
C LYS A 562 -25.88 9.84 4.22
N ALA A 563 -25.21 10.96 3.96
CA ALA A 563 -23.75 10.97 3.82
C ALA A 563 -23.09 10.45 5.09
N GLY A 564 -23.59 10.83 6.26
CA GLY A 564 -22.92 10.42 7.49
C GLY A 564 -23.21 9.00 7.91
N GLY A 565 -23.97 8.26 7.11
CA GLY A 565 -24.23 6.86 7.42
C GLY A 565 -25.62 6.47 7.87
N ALA A 566 -26.54 7.44 7.85
CA ALA A 566 -27.90 7.25 8.34
C ALA A 566 -28.49 5.89 8.03
N ASP A 567 -28.55 5.52 6.75
CA ASP A 567 -29.28 4.31 6.32
C ASP A 567 -28.72 3.02 6.89
N LYS A 568 -27.37 2.95 6.92
CA LYS A 568 -26.66 1.86 7.58
C LYS A 568 -27.17 1.76 8.99
N LEU A 569 -27.31 2.91 9.65
CA LEU A 569 -27.83 2.94 11.02
C LEU A 569 -29.24 2.39 11.11
N ILE A 570 -30.18 3.00 10.39
CA ILE A 570 -31.58 2.59 10.52
C ILE A 570 -31.75 1.13 10.08
N GLY A 571 -30.88 0.68 9.19
CA GLY A 571 -30.96 -0.67 8.66
C GLY A 571 -31.44 -0.67 7.23
N HIS A 572 -32.70 -0.27 7.04
CA HIS A 572 -33.35 -0.21 5.73
C HIS A 572 -33.30 1.18 5.13
N THR A 573 -33.71 1.31 3.89
CA THR A 573 -33.87 2.63 3.29
C THR A 573 -35.17 3.31 3.75
N TRP A 574 -35.05 4.55 4.17
CA TRP A 574 -36.16 5.34 4.66
C TRP A 574 -36.66 6.21 3.55
N ARG A 575 -37.95 6.13 3.29
CA ARG A 575 -38.57 7.00 2.30
C ARG A 575 -39.69 7.84 2.95
N PRO A 576 -39.56 9.17 2.87
CA PRO A 576 -40.63 10.03 3.39
C PRO A 576 -41.88 9.84 2.54
N LYS A 577 -43.03 10.19 3.08
CA LYS A 577 -44.27 10.09 2.34
C LYS A 577 -44.07 10.84 1.02
N PHE A 578 -44.55 10.21 -0.07
CA PHE A 578 -44.46 10.72 -1.45
C PHE A 578 -43.02 10.87 -1.98
N GLY A 579 -42.02 10.58 -1.16
CA GLY A 579 -40.65 10.82 -1.54
C GLY A 579 -40.15 12.24 -1.32
N VAL A 580 -40.79 13.01 -0.45
CA VAL A 580 -40.30 14.40 -0.20
C VAL A 580 -40.12 14.70 1.27
N TRP A 581 -38.96 15.27 1.57
CA TRP A 581 -38.65 15.64 2.93
C TRP A 581 -39.53 16.76 3.38
N THR A 582 -39.86 16.75 4.67
CA THR A 582 -40.55 17.85 5.32
C THR A 582 -39.96 17.81 6.70
N PRO A 583 -40.13 18.90 7.46
CA PRO A 583 -39.61 18.85 8.82
C PRO A 583 -40.26 17.74 9.65
N THR A 584 -41.54 17.45 9.44
CA THR A 584 -42.16 16.36 10.20
C THR A 584 -41.60 15.00 9.79
N GLU A 585 -41.19 14.89 8.53
CA GLU A 585 -40.54 13.69 8.04
C GLU A 585 -39.14 13.54 8.61
N LEU A 586 -38.35 14.62 8.59
CA LEU A 586 -37.00 14.64 9.17
C LEU A 586 -37.05 14.28 10.62
N PHE A 587 -38.01 14.83 11.33
CA PHE A 587 -38.17 14.56 12.74
C PHE A 587 -38.33 13.07 13.00
N ASN A 588 -39.32 12.45 12.36
CA ASN A 588 -39.52 11.00 12.53
C ASN A 588 -38.29 10.20 12.11
N PHE A 589 -37.63 10.65 11.05
CA PHE A 589 -36.35 10.08 10.65
C PHE A 589 -35.39 10.25 11.83
N GLY A 590 -35.11 11.49 12.21
CA GLY A 590 -34.35 11.78 13.41
C GLY A 590 -34.64 10.81 14.55
N GLN A 591 -35.89 10.57 14.87
CA GLN A 591 -36.25 9.68 15.98
C GLN A 591 -35.92 8.21 15.75
N ALA A 592 -35.97 7.77 14.50
CA ALA A 592 -35.66 6.39 14.14
C ALA A 592 -34.14 6.14 14.23
N LEU A 593 -33.38 7.17 13.85
CA LEU A 593 -31.93 7.18 13.97
C LEU A 593 -31.47 7.11 15.41
N GLN A 594 -32.17 7.82 16.29
CA GLN A 594 -31.90 7.75 17.73
C GLN A 594 -32.22 6.38 18.32
N GLU A 595 -33.33 5.80 17.90
CA GLU A 595 -33.72 4.48 18.35
C GLU A 595 -32.73 3.43 17.84
N ALA A 596 -32.15 3.68 16.67
CA ALA A 596 -31.22 2.73 16.05
C ALA A 596 -29.89 2.68 16.82
N GLN A 597 -29.44 3.83 17.30
CA GLN A 597 -28.22 3.96 18.09
C GLN A 597 -28.26 3.23 19.42
N LEU A 598 -29.36 3.38 20.14
CA LEU A 598 -29.56 2.68 21.42
C LEU A 598 -29.54 1.17 21.19
N GLU A 599 -30.25 0.72 20.15
CA GLU A 599 -30.27 -0.70 19.77
C GLU A 599 -28.98 -1.12 19.05
N ILE A 600 -27.89 -0.39 19.33
CA ILE A 600 -26.58 -0.67 18.79
C ILE A 600 -25.54 -0.54 19.90
N ALA A 601 -25.60 0.58 20.62
CA ALA A 601 -24.70 0.83 21.74
C ALA A 601 -25.09 -0.04 22.94
N ALA A 602 -26.37 -0.36 23.05
CA ALA A 602 -26.84 -1.31 24.08
C ALA A 602 -26.43 -2.74 23.73
N LYS A 603 -26.08 -2.98 22.47
CA LYS A 603 -25.63 -4.29 22.01
C LYS A 603 -24.17 -4.60 22.37
N LYS A 604 -23.46 -3.62 22.92
CA LYS A 604 -22.06 -3.79 23.32
C LYS A 604 -21.85 -3.75 24.84
N ASN B 2 0.01 -38.66 39.99
CA ASN B 2 -0.28 -37.51 39.08
C ASN B 2 -0.02 -37.84 37.59
N LEU B 3 0.92 -38.76 37.32
CA LEU B 3 1.30 -39.11 35.95
C LEU B 3 1.57 -40.60 35.69
N LEU B 4 1.32 -41.03 34.46
CA LEU B 4 1.47 -42.43 34.05
C LEU B 4 2.23 -42.56 32.74
N VAL B 5 3.29 -43.36 32.75
CA VAL B 5 4.10 -43.64 31.56
C VAL B 5 3.93 -45.11 31.13
N GLN B 6 3.29 -45.31 29.99
CA GLN B 6 3.01 -46.64 29.45
C GLN B 6 3.91 -46.95 28.24
N GLU B 7 3.48 -47.91 27.42
CA GLU B 7 4.15 -48.35 26.19
C GLU B 7 5.64 -48.67 26.36
N PHE B 12 5.76 -44.43 22.95
CA PHE B 12 6.07 -44.19 24.37
C PHE B 12 5.15 -43.12 24.96
N GLU B 13 3.93 -43.52 25.31
CA GLU B 13 2.86 -42.56 25.67
C GLU B 13 2.83 -42.13 27.15
N VAL B 14 2.27 -40.95 27.40
CA VAL B 14 2.01 -40.44 28.76
C VAL B 14 0.53 -40.06 28.96
N ARG B 15 -0.11 -40.72 29.92
CA ARG B 15 -1.47 -40.37 30.37
C ARG B 15 -1.42 -39.81 31.80
N SER B 16 -2.58 -39.71 32.46
CA SER B 16 -2.66 -39.17 33.84
C SER B 16 -3.11 -40.20 34.90
N TRP B 17 -3.46 -39.72 36.10
CA TRP B 17 -3.92 -40.58 37.21
C TRP B 17 -5.36 -41.02 37.04
N ILE B 27 0.17 -37.07 26.03
CA ILE B 27 1.40 -36.69 25.36
C ILE B 27 2.10 -37.88 24.68
N LEU B 28 3.23 -37.62 24.01
CA LEU B 28 4.01 -38.66 23.33
C LEU B 28 5.52 -38.44 23.51
N LEU B 29 6.26 -39.53 23.75
CA LEU B 29 7.71 -39.49 23.93
C LEU B 29 8.44 -40.18 22.80
N ASP B 30 9.59 -39.63 22.41
CA ASP B 30 10.38 -40.19 21.33
C ASP B 30 11.88 -39.96 21.53
N ASN B 31 12.67 -41.00 21.27
CA ASN B 31 14.15 -40.97 21.35
C ASN B 31 14.81 -42.05 20.49
N PRO B 32 16.07 -41.88 20.15
CA PRO B 32 16.64 -42.76 19.14
C PRO B 32 16.57 -44.21 19.54
N GLU B 33 16.84 -44.54 20.80
CA GLU B 33 16.94 -45.93 21.16
C GLU B 33 15.97 -46.40 22.22
N ASP B 34 16.32 -47.54 22.80
CA ASP B 34 15.69 -48.06 24.00
C ASP B 34 16.84 -48.38 24.91
N ALA B 35 17.48 -47.33 25.42
CA ALA B 35 18.70 -47.43 26.20
C ALA B 35 18.48 -46.92 27.61
N ALA B 36 19.57 -46.50 28.27
CA ALA B 36 19.43 -45.94 29.60
C ALA B 36 19.08 -44.44 29.57
N GLN B 37 18.81 -43.94 28.37
CA GLN B 37 18.23 -42.61 28.15
C GLN B 37 16.73 -42.65 28.45
N GLN B 38 16.16 -43.85 28.44
CA GLN B 38 14.80 -44.12 28.89
C GLN B 38 14.63 -43.66 30.34
N LYS B 39 15.64 -43.93 31.17
CA LYS B 39 15.67 -43.43 32.54
C LYS B 39 15.96 -41.93 32.57
N SER B 40 16.74 -41.46 31.58
CA SER B 40 17.18 -40.07 31.51
C SER B 40 16.05 -39.09 31.18
N ILE B 41 15.08 -39.53 30.38
CA ILE B 41 13.90 -38.72 30.11
C ILE B 41 12.96 -38.71 31.31
N GLU B 42 12.86 -39.85 31.99
CA GLU B 42 11.96 -40.02 33.12
C GLU B 42 12.27 -39.03 34.26
N ARG B 43 13.55 -38.82 34.53
CA ARG B 43 13.96 -37.81 35.51
C ARG B 43 13.54 -36.38 35.06
N PHE B 44 13.63 -36.09 33.77
CA PHE B 44 13.19 -34.80 33.23
C PHE B 44 11.67 -34.61 33.39
N ILE B 45 10.92 -35.66 33.08
CA ILE B 45 9.45 -35.61 33.17
C ILE B 45 9.00 -35.42 34.60
N LEU B 46 9.64 -36.15 35.54
CA LEU B 46 9.36 -35.99 36.95
C LEU B 46 9.70 -34.58 37.45
N ALA B 47 10.77 -34.00 36.90
CA ALA B 47 11.28 -32.69 37.34
C ALA B 47 10.45 -31.49 36.86
N ASN B 48 10.10 -31.47 35.57
CA ASN B 48 9.56 -30.25 34.94
C ASN B 48 8.08 -30.25 34.54
N PHE B 49 7.36 -31.32 34.89
CA PHE B 49 5.92 -31.37 34.69
C PHE B 49 5.26 -32.17 35.82
N ASP B 50 4.56 -31.45 36.70
CA ASP B 50 3.89 -32.07 37.86
C ASP B 50 2.38 -32.26 37.64
N ASN B 51 1.97 -32.08 36.38
CA ASN B 51 0.55 -32.17 35.99
C ASN B 51 0.46 -32.50 34.51
N PHE B 52 -0.58 -33.26 34.13
CA PHE B 52 -0.82 -33.59 32.72
C PHE B 52 -1.19 -32.34 31.93
N GLU B 53 -1.91 -31.42 32.56
CA GLU B 53 -2.33 -30.17 31.92
C GLU B 53 -1.17 -29.24 31.54
N GLN B 54 -0.01 -29.41 32.17
CA GLN B 54 1.14 -28.56 31.85
C GLN B 54 2.18 -29.22 30.93
N MSE B 55 1.80 -30.36 30.33
CA MSE B 55 2.66 -31.08 29.39
C MSE B 55 2.53 -30.50 27.99
O MSE B 55 1.49 -29.93 27.64
CB MSE B 55 2.31 -32.58 29.36
CG MSE B 55 2.65 -33.30 30.67
SE MSE B 55 3.58 -35.03 30.40
CE MSE B 55 5.41 -34.35 30.71
N PRO B 56 3.60 -30.62 27.17
CA PRO B 56 3.51 -30.30 25.75
C PRO B 56 2.90 -31.46 24.97
N ASP B 57 2.61 -31.23 23.69
CA ASP B 57 1.96 -32.23 22.84
C ASP B 57 2.87 -33.45 22.64
N GLU B 58 4.10 -33.20 22.23
CA GLU B 58 5.11 -34.24 22.03
C GLU B 58 6.43 -33.84 22.70
N LEU B 59 7.11 -34.84 23.28
CA LEU B 59 8.44 -34.65 23.84
C LEU B 59 9.45 -35.55 23.15
N PHE B 60 10.69 -35.09 23.09
CA PHE B 60 11.74 -35.76 22.35
C PHE B 60 13.03 -35.77 23.15
N LEU B 61 13.77 -36.87 23.05
CA LEU B 61 15.15 -36.97 23.55
C LEU B 61 16.02 -37.40 22.37
N VAL B 62 16.17 -36.52 21.40
CA VAL B 62 17.00 -36.83 20.24
C VAL B 62 18.36 -36.24 20.49
N ASP B 63 19.40 -37.03 20.19
CA ASP B 63 20.79 -36.62 20.37
C ASP B 63 21.08 -36.21 21.82
N ASN B 64 21.56 -34.98 21.98
CA ASN B 64 22.01 -34.50 23.28
C ASN B 64 20.91 -33.74 24.01
N LYS B 65 19.84 -33.42 23.27
CA LYS B 65 18.85 -32.45 23.71
C LYS B 65 17.48 -33.06 24.04
N VAL B 66 16.74 -32.40 24.94
CA VAL B 66 15.32 -32.71 25.18
C VAL B 66 14.45 -31.60 24.60
N LEU B 67 13.56 -31.97 23.69
CA LEU B 67 12.74 -30.99 22.98
C LEU B 67 11.26 -31.15 23.24
N SER B 68 10.51 -30.06 23.05
CA SER B 68 9.06 -30.10 23.03
C SER B 68 8.57 -29.71 21.66
N HIS B 69 7.49 -30.33 21.21
CA HIS B 69 6.73 -29.82 20.08
C HIS B 69 5.29 -29.66 20.45
N HIS B 70 4.83 -28.42 20.42
CA HIS B 70 3.48 -28.08 20.79
C HIS B 70 3.01 -26.95 19.93
N ASP B 71 1.84 -27.12 19.31
CA ASP B 71 1.21 -26.08 18.47
C ASP B 71 2.05 -25.70 17.25
N GLY B 72 2.66 -26.71 16.62
CA GLY B 72 3.52 -26.49 15.47
C GLY B 72 4.80 -25.75 15.81
N ARG B 73 5.12 -25.69 17.10
CA ARG B 73 6.31 -25.01 17.59
C ARG B 73 7.26 -25.96 18.33
N THR B 74 8.53 -25.90 17.93
CA THR B 74 9.58 -26.75 18.47
C THR B 74 10.50 -25.95 19.38
N ARG B 75 10.65 -26.43 20.61
CA ARG B 75 11.48 -25.76 21.60
C ARG B 75 12.51 -26.71 22.22
N ILE B 76 13.68 -26.17 22.58
CA ILE B 76 14.74 -26.94 23.26
C ILE B 76 14.66 -26.72 24.76
N LEU B 77 14.35 -27.79 25.48
CA LEU B 77 14.09 -27.70 26.91
C LEU B 77 15.37 -27.83 27.73
N ALA B 78 16.24 -28.74 27.30
CA ALA B 78 17.57 -28.96 27.89
C ALA B 78 18.54 -29.69 26.93
N ARG B 79 19.84 -29.50 27.16
CA ARG B 79 20.91 -30.24 26.45
C ARG B 79 21.85 -31.00 27.44
N LYS B 80 22.68 -31.92 26.92
CA LYS B 80 23.57 -32.76 27.76
C LYS B 80 24.87 -32.06 28.15
N TRP B 85 23.31 -32.74 31.63
CA TRP B 85 21.90 -32.37 31.50
C TRP B 85 21.64 -30.94 32.00
N THR B 86 21.94 -29.95 31.15
CA THR B 86 21.80 -28.53 31.50
C THR B 86 20.55 -27.91 30.88
N TYR B 87 19.76 -27.22 31.70
CA TYR B 87 18.48 -26.64 31.27
C TYR B 87 18.64 -25.45 30.33
N ASN B 88 17.92 -25.48 29.22
CA ASN B 88 17.96 -24.41 28.24
C ASN B 88 16.94 -23.29 28.52
N ALA B 89 17.39 -22.05 28.34
CA ALA B 89 16.55 -20.86 28.53
C ALA B 89 15.45 -20.81 27.48
N ASN B 90 14.33 -20.17 27.81
CA ASN B 90 13.24 -20.03 26.85
C ASN B 90 13.61 -19.00 25.77
N VAL B 91 13.26 -19.30 24.53
CA VAL B 91 13.63 -18.45 23.37
C VAL B 91 12.40 -18.05 22.52
N GLU B 92 12.36 -16.78 22.10
CA GLU B 92 11.21 -16.27 21.34
C GLU B 92 11.61 -15.22 20.27
N LEU B 93 11.32 -15.54 19.01
CA LEU B 93 11.70 -14.69 17.90
C LEU B 93 10.92 -13.37 17.77
N MSE B 94 11.69 -12.28 17.76
CA MSE B 94 11.20 -10.92 17.54
C MSE B 94 10.12 -10.75 16.48
O MSE B 94 10.14 -11.38 15.42
CB MSE B 94 12.42 -10.25 16.96
CG MSE B 94 13.15 -9.47 18.01
SE MSE B 94 14.24 -8.19 17.00
CE MSE B 94 15.88 -8.50 18.03
N SER B 95 9.16 -9.87 16.76
CA SER B 95 8.23 -9.45 15.74
C SER B 95 8.95 -8.46 14.83
N VAL B 96 8.34 -8.17 13.69
CA VAL B 96 8.90 -7.26 12.72
C VAL B 96 9.04 -5.88 13.36
N THR B 97 8.01 -5.48 14.10
CA THR B 97 8.00 -4.19 14.80
C THR B 97 9.03 -4.16 15.93
N GLU B 98 9.15 -5.26 16.66
CA GLU B 98 10.21 -5.36 17.63
C GLU B 98 11.55 -5.00 16.97
N LEU B 99 11.81 -5.58 15.82
CA LEU B 99 13.00 -5.26 15.01
C LEU B 99 13.00 -3.79 14.54
N LEU B 100 11.90 -3.36 13.91
CA LEU B 100 11.79 -1.98 13.48
C LEU B 100 12.12 -1.02 14.62
N ASP B 101 11.64 -1.33 15.83
CA ASP B 101 11.94 -0.51 16.99
C ASP B 101 13.41 -0.64 17.38
N ALA B 102 13.88 -1.88 17.49
CA ALA B 102 15.26 -2.17 17.96
C ALA B 102 16.35 -1.68 17.05
N ALA B 103 16.13 -1.81 15.75
CA ALA B 103 17.13 -1.48 14.72
C ALA B 103 17.05 -0.04 14.22
N HIS B 104 16.08 0.72 14.74
CA HIS B 104 15.82 2.09 14.30
C HIS B 104 16.98 3.04 14.48
N VAL B 105 17.40 3.72 13.41
CA VAL B 105 18.37 4.83 13.52
C VAL B 105 17.94 6.06 12.72
N SER B 106 17.58 7.13 13.44
CA SER B 106 16.90 8.28 12.82
C SER B 106 17.75 9.06 11.82
N GLY B 107 17.10 9.53 10.76
CA GLY B 107 17.74 10.31 9.72
C GLY B 107 18.17 9.46 8.54
N LYS B 108 18.23 8.14 8.75
CA LYS B 108 18.74 7.21 7.76
C LYS B 108 17.58 6.62 6.96
N VAL B 109 17.72 6.59 5.64
CA VAL B 109 16.76 5.89 4.77
C VAL B 109 17.02 4.37 4.85
N ARG B 110 16.01 3.56 4.56
CA ARG B 110 16.19 2.09 4.57
C ARG B 110 16.94 1.65 3.31
N GLY B 111 18.02 0.92 3.52
CA GLY B 111 18.75 0.35 2.40
C GLY B 111 18.10 -0.98 2.05
N GLU B 112 18.40 -1.49 0.84
CA GLU B 112 17.75 -2.71 0.37
C GLU B 112 18.15 -3.86 1.30
N SER B 113 19.29 -3.69 1.95
CA SER B 113 19.85 -4.72 2.78
C SER B 113 19.05 -4.85 4.07
N TYR B 114 18.59 -3.71 4.59
CA TYR B 114 17.73 -3.71 5.77
C TYR B 114 16.38 -4.28 5.38
N GLN B 115 15.88 -3.86 4.21
CA GLN B 115 14.56 -4.26 3.74
C GLN B 115 14.48 -5.79 3.51
N GLN B 116 15.60 -6.36 3.04
CA GLN B 116 15.70 -7.79 2.81
C GLN B 116 15.60 -8.56 4.12
N VAL B 117 16.01 -7.95 5.24
CA VAL B 117 15.82 -8.58 6.55
C VAL B 117 14.38 -8.47 7.00
N ILE B 118 13.81 -7.27 6.86
CA ILE B 118 12.40 -7.05 7.20
C ILE B 118 11.50 -8.00 6.37
N ASP B 119 11.77 -8.09 5.07
CA ASP B 119 11.06 -9.03 4.21
C ASP B 119 11.17 -10.45 4.73
N ALA B 120 12.41 -10.89 5.00
CA ALA B 120 12.66 -12.27 5.42
C ALA B 120 11.97 -12.59 6.75
N LEU B 121 11.97 -11.59 7.64
CA LEU B 121 11.40 -11.82 8.93
C LEU B 121 9.90 -11.99 8.75
N THR B 122 9.30 -11.11 7.96
CA THR B 122 7.89 -11.15 7.65
C THR B 122 7.53 -12.50 7.05
N GLU B 123 8.36 -12.98 6.13
CA GLU B 123 8.08 -14.22 5.42
C GLU B 123 8.17 -15.41 6.35
N TYR B 124 9.08 -15.33 7.31
CA TYR B 124 9.17 -16.38 8.31
C TYR B 124 7.96 -16.43 9.22
N HIS B 125 7.62 -15.30 9.81
CA HIS B 125 6.48 -15.26 10.71
C HIS B 125 5.20 -15.71 10.05
N ALA B 126 5.05 -15.42 8.76
CA ALA B 126 3.91 -15.88 7.99
C ALA B 126 3.92 -17.39 7.78
N SER B 127 5.08 -18.02 7.77
CA SER B 127 5.11 -19.47 7.56
C SER B 127 4.73 -20.22 8.84
N THR B 128 4.97 -19.56 9.96
CA THR B 128 4.58 -20.01 11.31
C THR B 128 3.10 -20.30 11.36
N ALA B 129 2.27 -19.32 11.00
CA ALA B 129 0.83 -19.47 11.10
C ALA B 129 0.36 -20.66 10.27
N GLU B 130 0.90 -20.76 9.06
CA GLU B 130 0.60 -21.82 8.11
C GLU B 130 0.88 -23.24 8.66
N HIS B 131 2.14 -23.51 9.01
CA HIS B 131 2.50 -24.87 9.38
C HIS B 131 3.46 -25.05 10.53
N ALA B 132 3.74 -26.33 10.84
CA ALA B 132 4.70 -26.71 11.88
C ALA B 132 6.05 -26.09 11.57
N ASP B 133 6.79 -25.72 12.60
CA ASP B 133 8.06 -25.04 12.36
C ASP B 133 9.18 -25.96 11.83
N TYR B 134 8.95 -27.27 11.83
CA TYR B 134 9.96 -28.20 11.30
C TYR B 134 9.74 -28.57 9.83
N GLU B 135 8.61 -28.14 9.27
CA GLU B 135 8.36 -28.38 7.85
C GLU B 135 9.33 -27.58 6.98
N LEU B 136 9.85 -28.24 5.95
CA LEU B 136 10.91 -27.70 5.10
C LEU B 136 10.68 -26.22 4.70
N THR B 137 9.51 -25.91 4.17
CA THR B 137 9.16 -24.56 3.76
C THR B 137 9.47 -23.55 4.87
N SER B 138 9.12 -23.89 6.10
CA SER B 138 9.39 -23.00 7.24
C SER B 138 10.87 -22.86 7.50
N VAL B 139 11.55 -24.01 7.49
CA VAL B 139 12.96 -24.10 7.76
C VAL B 139 13.70 -23.28 6.73
N GLU B 140 13.29 -23.44 5.46
CA GLU B 140 13.84 -22.70 4.32
C GLU B 140 13.76 -21.18 4.57
N LYS B 141 12.58 -20.68 4.94
CA LYS B 141 12.39 -19.27 5.27
C LYS B 141 13.30 -18.85 6.45
N LEU B 142 13.48 -19.76 7.40
CA LEU B 142 14.33 -19.51 8.55
C LEU B 142 15.79 -19.37 8.16
N LEU B 143 16.21 -20.19 7.20
CA LEU B 143 17.59 -20.14 6.74
C LEU B 143 17.82 -18.84 5.99
N ASN B 144 16.79 -18.45 5.25
CA ASN B 144 16.78 -17.26 4.48
C ASN B 144 17.10 -16.09 5.42
N LEU B 145 16.32 -15.96 6.48
CA LEU B 145 16.57 -14.95 7.50
C LEU B 145 18.00 -14.88 7.98
N ARG B 146 18.55 -16.00 8.40
CA ARG B 146 19.88 -16.00 8.95
C ARG B 146 20.91 -15.55 7.95
N LYS B 147 20.80 -16.07 6.75
CA LYS B 147 21.57 -15.59 5.62
C LYS B 147 21.53 -14.06 5.48
N GLN B 148 20.33 -13.47 5.49
CA GLN B 148 20.10 -12.03 5.35
C GLN B 148 20.68 -11.23 6.51
N VAL B 149 20.37 -11.65 7.74
CA VAL B 149 20.86 -10.97 8.95
C VAL B 149 22.40 -10.91 8.99
N GLU B 150 23.02 -12.07 8.78
CA GLU B 150 24.47 -12.18 8.64
C GLU B 150 25.06 -11.30 7.54
N GLY B 151 24.48 -11.37 6.35
CA GLY B 151 24.89 -10.50 5.25
C GLY B 151 24.84 -9.02 5.60
N TYR B 152 23.76 -8.60 6.27
CA TYR B 152 23.65 -7.23 6.72
C TYR B 152 24.84 -6.83 7.57
N VAL B 153 25.12 -7.62 8.58
CA VAL B 153 26.15 -7.30 9.51
C VAL B 153 27.48 -7.33 8.82
N LEU B 154 27.71 -8.33 7.99
CA LEU B 154 28.96 -8.46 7.27
C LEU B 154 29.23 -7.28 6.40
N GLY B 155 28.21 -6.70 5.84
CA GLY B 155 28.37 -5.65 4.89
C GLY B 155 28.37 -4.27 5.49
N HIS B 156 27.77 -4.13 6.65
CA HIS B 156 27.70 -2.83 7.31
C HIS B 156 28.07 -2.95 8.77
N PRO B 157 29.33 -3.07 9.08
CA PRO B 157 29.72 -3.26 10.47
C PRO B 157 29.61 -1.96 11.21
N ASP B 158 29.45 -0.89 10.47
CA ASP B 158 29.20 0.40 11.04
C ASP B 158 27.74 0.71 10.82
N SER B 159 26.94 0.67 11.86
CA SER B 159 25.54 0.95 11.67
C SER B 159 24.73 0.56 12.85
N GLY B 160 23.96 1.50 13.37
CA GLY B 160 23.25 1.33 14.61
C GLY B 160 22.33 0.14 14.65
N ARG B 161 22.18 -0.54 13.54
CA ARG B 161 21.23 -1.63 13.48
C ARG B 161 21.84 -2.94 13.85
N VAL B 162 23.14 -2.97 13.98
CA VAL B 162 23.85 -4.19 14.28
C VAL B 162 23.40 -4.85 15.55
N GLN B 163 23.63 -4.15 16.66
CA GLN B 163 23.20 -4.63 17.96
C GLN B 163 21.82 -5.32 17.91
N ALA B 164 20.88 -4.71 17.18
CA ALA B 164 19.60 -5.35 16.90
C ALA B 164 19.75 -6.59 16.04
N MSE B 165 20.51 -6.48 14.96
CA MSE B 165 20.76 -7.61 14.07
C MSE B 165 21.33 -8.79 14.85
O MSE B 165 20.95 -9.95 14.63
CB MSE B 165 21.72 -7.11 13.00
CG MSE B 165 21.09 -6.12 12.02
SE MSE B 165 19.59 -6.98 11.05
CE MSE B 165 19.27 -5.41 9.90
N ASN B 166 22.24 -8.48 15.78
CA ASN B 166 22.91 -9.48 16.58
C ASN B 166 21.97 -10.16 17.54
N ALA B 167 21.03 -9.39 18.08
CA ALA B 167 19.97 -9.96 18.94
C ALA B 167 19.10 -10.94 18.13
N LEU B 168 18.70 -10.51 16.94
CA LEU B 168 17.91 -11.34 16.02
C LEU B 168 18.70 -12.57 15.63
N LEU B 169 19.96 -12.37 15.23
CA LEU B 169 20.80 -13.48 14.81
C LEU B 169 20.81 -14.53 15.90
N ASN B 170 21.03 -14.08 17.13
CA ASN B 170 21.06 -14.95 18.27
C ASN B 170 19.78 -15.80 18.35
N GLN B 171 18.64 -15.15 18.17
CA GLN B 171 17.35 -15.82 18.23
C GLN B 171 17.13 -16.80 17.08
N VAL B 172 17.60 -16.41 15.89
CA VAL B 172 17.47 -17.25 14.71
C VAL B 172 18.20 -18.57 14.95
N ASN B 173 19.43 -18.51 15.45
CA ASN B 173 20.24 -19.71 15.64
C ASN B 173 19.57 -20.65 16.62
N SER B 174 18.83 -20.08 17.56
CA SER B 174 18.19 -20.87 18.58
C SER B 174 17.01 -21.59 17.98
N ARG B 175 16.24 -20.88 17.17
CA ARG B 175 15.12 -21.49 16.47
C ARG B 175 15.62 -22.61 15.54
N LEU B 176 16.71 -22.32 14.87
CA LEU B 176 17.32 -23.22 13.94
C LEU B 176 17.86 -24.51 14.54
N GLU B 177 18.55 -24.39 15.65
CA GLU B 177 19.05 -25.52 16.41
C GLU B 177 17.86 -26.42 16.79
N ALA B 178 16.82 -25.81 17.35
CA ALA B 178 15.61 -26.51 17.71
C ALA B 178 14.96 -27.24 16.54
N VAL B 179 14.81 -26.55 15.42
CA VAL B 179 14.09 -27.09 14.27
C VAL B 179 14.87 -28.17 13.50
N SER B 180 16.19 -28.06 13.47
CA SER B 180 17.06 -29.02 12.81
C SER B 180 16.86 -30.45 13.29
N VAL B 181 16.39 -30.60 14.51
CA VAL B 181 16.29 -31.92 15.11
C VAL B 181 15.08 -32.68 14.55
N LEU B 182 14.20 -31.96 13.86
CA LEU B 182 12.96 -32.57 13.37
C LEU B 182 12.70 -32.49 11.86
N VAL B 183 13.46 -31.69 11.14
CA VAL B 183 13.32 -31.59 9.71
C VAL B 183 13.64 -32.90 9.08
N VAL B 184 12.94 -33.23 8.02
CA VAL B 184 13.24 -34.48 7.37
C VAL B 184 14.62 -34.57 6.73
N SER B 185 15.05 -33.55 6.00
CA SER B 185 16.39 -33.61 5.43
C SER B 185 17.17 -32.35 5.68
N GLU B 186 18.40 -32.49 6.16
CA GLU B 186 19.23 -31.34 6.46
C GLU B 186 20.10 -30.88 5.31
N GLN B 187 20.03 -31.59 4.20
CA GLN B 187 20.86 -31.27 3.03
C GLN B 187 20.99 -29.76 2.77
N SER B 188 19.86 -29.05 2.87
CA SER B 188 19.80 -27.61 2.60
C SER B 188 20.38 -26.74 3.72
N ILE B 189 20.35 -27.23 4.97
CA ILE B 189 20.88 -26.47 6.12
C ILE B 189 22.40 -26.62 6.34
N LYS B 190 23.12 -25.54 6.04
CA LYS B 190 24.57 -25.51 6.01
C LYS B 190 25.15 -25.18 7.38
N ALA B 191 26.09 -26.00 7.83
CA ALA B 191 26.79 -25.80 9.11
C ALA B 191 27.37 -24.38 9.26
N HIS B 192 27.62 -23.95 10.49
CA HIS B 192 28.17 -22.63 10.75
C HIS B 192 29.58 -22.55 10.24
N ASP B 193 30.29 -23.69 10.30
CA ASP B 193 31.70 -23.75 9.92
C ASP B 193 31.97 -24.05 8.43
N SER B 194 30.90 -24.33 7.67
CA SER B 194 30.92 -24.52 6.22
C SER B 194 31.50 -23.34 5.46
N PHE B 195 31.93 -23.60 4.22
CA PHE B 195 32.23 -22.53 3.26
C PHE B 195 30.93 -21.86 2.76
N SER B 196 29.88 -22.66 2.55
CA SER B 196 28.56 -22.13 2.26
C SER B 196 28.15 -20.98 3.19
N HIS B 197 28.14 -21.25 4.50
CA HIS B 197 27.78 -20.25 5.50
C HIS B 197 28.53 -18.96 5.30
N LEU B 198 29.75 -19.00 4.77
CA LEU B 198 30.43 -17.75 4.44
C LEU B 198 29.93 -17.15 3.12
N TYR B 199 29.98 -17.94 2.05
CA TYR B 199 29.50 -17.47 0.76
C TYR B 199 28.08 -16.89 0.83
N ASP B 200 27.15 -17.61 1.43
CA ASP B 200 25.77 -17.18 1.48
C ASP B 200 25.64 -15.78 2.08
N GLN B 201 26.71 -15.26 2.66
CA GLN B 201 26.60 -13.98 3.35
C GLN B 201 26.83 -12.81 2.42
N LEU B 202 27.29 -13.08 1.22
CA LEU B 202 27.72 -12.01 0.32
C LEU B 202 26.54 -11.30 -0.32
N ASP B 203 25.44 -12.03 -0.47
CA ASP B 203 24.27 -11.49 -1.14
C ASP B 203 23.75 -10.22 -0.50
N ASN B 204 23.65 -10.24 0.82
CA ASN B 204 23.04 -9.14 1.54
C ASN B 204 24.10 -8.20 2.10
N ALA B 205 25.36 -8.53 1.87
CA ALA B 205 26.47 -7.74 2.39
C ALA B 205 26.70 -6.55 1.46
N ASN B 206 26.53 -6.80 0.16
CA ASN B 206 26.67 -5.76 -0.85
C ASN B 206 28.03 -5.02 -0.76
N LEU B 207 29.10 -5.82 -0.71
CA LEU B 207 30.47 -5.37 -0.51
C LEU B 207 31.22 -5.24 -1.81
N LYS B 208 32.00 -4.16 -1.94
CA LYS B 208 32.90 -3.97 -3.08
C LYS B 208 33.93 -5.12 -3.12
N GLU B 209 34.38 -5.48 -4.32
CA GLU B 209 35.33 -6.59 -4.51
C GLU B 209 36.56 -6.46 -3.61
N SER B 210 37.06 -5.23 -3.51
CA SER B 210 38.31 -4.89 -2.84
C SER B 210 38.31 -4.94 -1.31
N LYS B 211 37.16 -5.15 -0.67
CA LYS B 211 37.08 -5.18 0.79
C LYS B 211 37.69 -6.48 1.31
N HIS B 212 38.42 -6.39 2.42
CA HIS B 212 39.06 -7.55 3.04
C HIS B 212 38.18 -8.19 4.07
N LEU B 213 38.25 -9.51 4.20
CA LEU B 213 37.63 -10.22 5.32
C LEU B 213 38.59 -10.32 6.52
N TYR B 214 38.04 -10.28 7.73
CA TYR B 214 38.82 -10.46 8.97
C TYR B 214 38.06 -11.33 9.95
N LEU B 215 38.68 -11.63 11.10
CA LEU B 215 38.02 -12.40 12.14
C LEU B 215 37.86 -11.59 13.40
N ASP B 216 36.78 -11.86 14.14
CA ASP B 216 36.57 -11.25 15.46
C ASP B 216 36.99 -12.25 16.54
N GLY B 217 37.04 -11.79 17.79
CA GLY B 217 37.44 -12.62 18.94
C GLY B 217 36.65 -13.89 19.20
N ASN B 218 35.60 -14.09 18.40
CA ASN B 218 34.81 -15.32 18.44
C ASN B 218 35.08 -16.20 17.20
N GLY B 219 36.03 -15.77 16.38
CA GLY B 219 36.45 -16.54 15.21
C GLY B 219 35.49 -16.44 14.03
N ASP B 220 34.61 -15.45 14.08
CA ASP B 220 33.61 -15.25 13.02
C ASP B 220 34.05 -14.25 11.98
N PHE B 221 33.60 -14.43 10.74
CA PHE B 221 34.02 -13.55 9.68
C PHE B 221 33.44 -12.15 9.80
N VAL B 222 34.27 -11.17 9.46
CA VAL B 222 34.01 -9.78 9.79
C VAL B 222 34.54 -8.86 8.70
N THR B 223 34.19 -7.59 8.77
CA THR B 223 34.64 -6.58 7.83
C THR B 223 35.04 -5.35 8.65
N LYS B 224 36.14 -4.69 8.30
CA LYS B 224 36.60 -3.51 9.08
C LYS B 224 35.88 -2.20 8.73
N GLY B 225 35.57 -1.41 9.76
CA GLY B 225 34.90 -0.12 9.57
C GLY B 225 35.57 1.00 10.34
N LYS B 226 34.77 1.78 11.07
CA LYS B 226 35.26 2.96 11.78
C LYS B 226 35.81 2.63 13.17
N GLY B 227 35.18 1.67 13.85
CA GLY B 227 35.58 1.29 15.20
C GLY B 227 35.25 -0.15 15.51
N ASN B 228 36.26 -1.02 15.41
CA ASN B 228 36.12 -2.44 15.71
C ASN B 228 37.46 -3.03 16.13
N SER B 238 46.99 -10.38 9.15
CA SER B 238 46.01 -11.46 9.27
C SER B 238 46.09 -12.42 8.09
N ASP B 239 46.53 -13.63 8.39
CA ASP B 239 46.38 -14.79 7.50
C ASP B 239 45.75 -15.92 8.31
N ALA B 240 45.30 -15.57 9.51
CA ALA B 240 44.42 -16.40 10.32
C ALA B 240 43.02 -16.43 9.69
N VAL B 241 42.71 -15.38 8.93
CA VAL B 241 41.47 -15.29 8.15
C VAL B 241 41.53 -16.23 6.95
N LEU B 242 42.66 -16.25 6.26
CA LEU B 242 42.88 -17.15 5.14
C LEU B 242 42.81 -18.61 5.58
N GLU B 243 43.39 -18.89 6.74
CA GLU B 243 43.37 -20.23 7.34
C GLU B 243 41.96 -20.67 7.74
N LYS B 244 41.12 -19.72 8.17
CA LYS B 244 39.74 -20.02 8.53
C LYS B 244 38.98 -20.43 7.29
N VAL B 245 39.10 -19.63 6.22
CA VAL B 245 38.43 -19.94 4.95
C VAL B 245 38.82 -21.32 4.47
N LYS B 246 40.10 -21.67 4.61
CA LYS B 246 40.57 -23.00 4.23
C LYS B 246 39.95 -24.11 5.10
N ALA B 247 39.96 -23.92 6.42
CA ALA B 247 39.34 -24.88 7.33
C ALA B 247 37.87 -25.02 6.98
N ALA B 248 37.29 -23.93 6.47
CA ALA B 248 35.92 -23.90 6.03
C ALA B 248 35.68 -24.85 4.84
N VAL B 249 36.52 -24.74 3.80
CA VAL B 249 36.35 -25.62 2.63
C VAL B 249 36.50 -27.07 3.09
N SER B 250 37.52 -27.31 3.91
CA SER B 250 37.77 -28.63 4.45
C SER B 250 36.59 -29.17 5.25
N HIS B 251 36.04 -28.34 6.14
CA HIS B 251 34.88 -28.73 6.94
C HIS B 251 33.76 -29.24 6.08
N GLU B 252 33.55 -28.59 4.94
CA GLU B 252 32.42 -28.92 4.10
C GLU B 252 32.73 -29.94 3.00
N TYR B 253 33.93 -29.84 2.42
CA TYR B 253 34.27 -30.62 1.24
C TYR B 253 35.38 -31.66 1.44
N GLY B 254 36.04 -31.63 2.59
CA GLY B 254 37.11 -32.58 2.89
C GLY B 254 38.46 -31.92 2.73
N GLN B 255 39.49 -32.52 3.32
CA GLN B 255 40.83 -31.96 3.21
C GLN B 255 41.41 -32.09 1.81
N VAL B 256 41.06 -33.17 1.09
CA VAL B 256 41.53 -33.35 -0.29
C VAL B 256 41.14 -32.17 -1.19
N VAL B 257 39.85 -31.79 -1.15
CA VAL B 257 39.34 -30.67 -1.91
C VAL B 257 39.94 -29.33 -1.43
N ALA B 258 40.10 -29.17 -0.12
CA ALA B 258 40.59 -27.91 0.42
C ALA B 258 42.02 -27.70 -0.04
N ASP B 259 42.81 -28.74 0.14
CA ASP B 259 44.19 -28.77 -0.27
C ASP B 259 44.30 -28.52 -1.78
N THR B 260 43.35 -29.06 -2.54
CA THR B 260 43.40 -28.98 -3.99
C THR B 260 43.24 -27.55 -4.47
N ILE B 261 42.19 -26.91 -3.99
CA ILE B 261 41.85 -25.59 -4.49
C ILE B 261 42.90 -24.56 -4.06
N PHE B 262 43.30 -24.59 -2.79
CA PHE B 262 44.21 -23.54 -2.29
C PHE B 262 45.62 -23.67 -2.86
N ALA B 263 45.94 -24.84 -3.40
CA ALA B 263 47.20 -25.09 -4.08
C ALA B 263 47.23 -24.41 -5.45
N GLY B 264 46.06 -24.30 -6.07
CA GLY B 264 45.93 -23.60 -7.33
C GLY B 264 45.80 -22.09 -7.16
N LEU B 265 45.71 -21.63 -5.92
CA LEU B 265 45.56 -20.21 -5.64
C LEU B 265 46.80 -19.57 -5.02
N SER B 266 47.11 -18.35 -5.43
CA SER B 266 48.24 -17.61 -4.89
C SER B 266 47.78 -16.40 -4.08
N ALA B 267 48.74 -15.76 -3.40
CA ALA B 267 48.47 -14.58 -2.59
C ALA B 267 47.68 -13.50 -3.33
N ASN B 268 48.03 -13.31 -4.61
CA ASN B 268 47.41 -12.27 -5.45
C ASN B 268 46.02 -12.64 -5.94
N ASP B 269 45.81 -13.94 -6.15
CA ASP B 269 44.48 -14.46 -6.49
C ASP B 269 43.53 -14.28 -5.31
N LEU B 270 44.07 -14.29 -4.10
CA LEU B 270 43.27 -14.16 -2.89
C LEU B 270 43.06 -12.72 -2.42
N ALA B 271 43.87 -11.79 -2.92
CA ALA B 271 43.75 -10.35 -2.63
C ALA B 271 44.69 -9.53 -3.48
N LYS B 272 44.30 -8.29 -3.80
CA LYS B 272 45.21 -7.35 -4.48
C LYS B 272 46.39 -6.96 -3.59
N ASP B 273 46.28 -7.26 -2.29
CA ASP B 273 47.31 -7.00 -1.29
C ASP B 273 48.37 -8.07 -1.28
N GLY B 274 47.97 -9.31 -1.53
CA GLY B 274 48.77 -10.47 -1.19
C GLY B 274 48.66 -10.74 0.31
N LYS B 275 47.69 -10.10 0.94
CA LYS B 275 47.44 -10.20 2.38
C LYS B 275 46.01 -10.68 2.65
N GLY B 276 45.90 -11.70 3.49
CA GLY B 276 44.61 -12.28 3.85
C GLY B 276 43.79 -12.74 2.66
N ILE B 277 42.57 -12.21 2.54
CA ILE B 277 41.65 -12.56 1.46
C ILE B 277 40.69 -11.38 1.24
N ASP B 278 40.43 -11.01 -0.02
CA ASP B 278 39.34 -10.06 -0.32
C ASP B 278 38.12 -10.76 -0.93
N ILE B 279 37.04 -10.02 -1.11
CA ILE B 279 35.84 -10.56 -1.72
C ILE B 279 36.16 -11.16 -3.09
N ALA B 280 36.90 -10.41 -3.91
CA ALA B 280 37.35 -10.94 -5.19
C ALA B 280 37.97 -12.31 -4.98
N GLY B 281 38.93 -12.39 -4.04
CA GLY B 281 39.55 -13.65 -3.66
C GLY B 281 38.55 -14.70 -3.22
N LEU B 282 37.55 -14.28 -2.44
CA LEU B 282 36.58 -15.22 -1.89
C LEU B 282 35.74 -15.89 -2.96
N ASN B 283 35.39 -15.14 -4.00
CA ASN B 283 34.66 -15.74 -5.11
C ASN B 283 35.52 -16.66 -5.92
N LYS B 284 36.76 -16.24 -6.18
CA LYS B 284 37.73 -17.10 -6.84
C LYS B 284 37.77 -18.48 -6.16
N VAL B 285 37.84 -18.47 -4.83
CA VAL B 285 37.76 -19.70 -4.04
C VAL B 285 36.47 -20.47 -4.35
N HIS B 286 35.35 -19.74 -4.24
CA HIS B 286 34.02 -20.26 -4.55
C HIS B 286 33.97 -20.90 -5.92
N GLN B 287 34.37 -20.13 -6.93
CA GLN B 287 34.26 -20.57 -8.30
C GLN B 287 35.22 -21.74 -8.52
N ALA B 288 36.33 -21.75 -7.81
CA ALA B 288 37.29 -22.86 -7.93
C ALA B 288 36.68 -24.19 -7.48
N ILE B 289 36.00 -24.18 -6.33
CA ILE B 289 35.38 -25.40 -5.85
C ILE B 289 34.31 -25.86 -6.83
N GLU B 290 33.47 -24.93 -7.27
CA GLU B 290 32.47 -25.26 -8.27
C GLU B 290 33.13 -25.88 -9.49
N GLN B 291 34.14 -25.19 -10.04
CA GLN B 291 34.90 -25.69 -11.19
C GLN B 291 35.39 -27.10 -10.93
N HIS B 292 35.86 -27.37 -9.71
CA HIS B 292 36.37 -28.67 -9.39
C HIS B 292 35.34 -29.77 -9.46
N MSE B 293 34.11 -29.49 -9.02
CA MSE B 293 33.13 -30.56 -8.85
C MSE B 293 32.25 -30.71 -10.05
O MSE B 293 31.85 -31.83 -10.39
CB MSE B 293 32.27 -30.25 -7.64
CG MSE B 293 33.09 -29.52 -6.61
SE MSE B 293 32.74 -30.37 -4.88
CE MSE B 293 33.57 -32.12 -5.30
N SER B 294 31.92 -29.59 -10.68
CA SER B 294 31.18 -29.58 -11.93
C SER B 294 31.75 -28.50 -12.86
N PRO B 295 32.45 -28.94 -13.92
CA PRO B 295 32.96 -28.03 -14.95
C PRO B 295 31.89 -27.35 -15.80
N VAL B 296 30.73 -27.98 -15.97
CA VAL B 296 29.65 -27.38 -16.74
C VAL B 296 28.69 -26.68 -15.76
N SER B 297 28.76 -25.34 -15.74
CA SER B 297 27.85 -24.53 -14.90
C SER B 297 26.39 -24.82 -15.19
N ALA B 298 26.05 -24.96 -16.46
CA ALA B 298 24.65 -25.00 -16.92
C ALA B 298 24.49 -25.56 -18.34
N THR B 299 23.35 -26.21 -18.60
CA THR B 299 23.00 -26.65 -19.95
C THR B 299 21.78 -25.92 -20.49
N MSE B 300 21.90 -25.33 -21.69
CA MSE B 300 20.79 -24.66 -22.37
C MSE B 300 20.19 -25.62 -23.33
O MSE B 300 20.90 -26.43 -23.93
CB MSE B 300 21.33 -23.48 -23.17
CG MSE B 300 20.22 -22.53 -23.55
SE MSE B 300 21.00 -21.05 -24.59
CE MSE B 300 21.68 -20.06 -23.05
N TYR B 301 18.87 -25.59 -23.50
CA TYR B 301 18.22 -26.31 -24.60
C TYR B 301 17.41 -25.34 -25.41
N ILE B 302 17.43 -25.49 -26.72
CA ILE B 302 16.77 -24.56 -27.61
C ILE B 302 16.10 -25.41 -28.64
N TRP B 303 14.77 -25.38 -28.67
CA TRP B 303 14.01 -26.15 -29.64
C TRP B 303 13.66 -25.29 -30.83
N LYS B 304 14.09 -25.71 -32.00
CA LYS B 304 13.80 -25.00 -33.23
C LYS B 304 12.86 -25.89 -34.03
N PRO B 305 11.56 -25.64 -33.92
CA PRO B 305 10.57 -26.43 -34.64
C PRO B 305 10.60 -26.19 -36.15
N SER B 306 10.36 -27.25 -36.92
CA SER B 306 10.30 -27.21 -38.38
C SER B 306 9.15 -26.37 -38.90
N ASP B 307 8.03 -26.41 -38.19
CA ASP B 307 6.85 -25.71 -38.62
C ASP B 307 6.98 -24.21 -38.50
N HIS B 308 6.90 -23.58 -39.65
CA HIS B 308 7.20 -22.16 -39.86
C HIS B 308 6.57 -21.25 -38.84
N SER B 309 5.33 -21.55 -38.48
CA SER B 309 4.53 -20.69 -37.61
C SER B 309 4.51 -21.12 -36.16
N ALA B 310 5.06 -22.31 -35.88
CA ALA B 310 5.16 -22.79 -34.51
C ALA B 310 6.32 -22.11 -33.80
N LEU B 311 6.13 -21.85 -32.51
CA LEU B 311 7.08 -21.08 -31.74
C LEU B 311 8.17 -21.95 -31.08
N GLY B 312 9.38 -21.40 -30.97
CA GLY B 312 10.52 -22.11 -30.36
C GLY B 312 10.38 -22.29 -28.86
N HIS B 313 11.36 -22.95 -28.25
CA HIS B 313 11.39 -23.18 -26.80
C HIS B 313 12.78 -23.00 -26.27
N ALA B 314 12.88 -22.73 -24.97
CA ALA B 314 14.16 -22.66 -24.29
C ALA B 314 14.01 -23.12 -22.85
N ALA B 315 15.00 -23.86 -22.40
CA ALA B 315 15.09 -24.24 -21.00
C ALA B 315 16.55 -24.18 -20.59
N LEU B 316 16.79 -24.16 -19.29
CA LEU B 316 18.13 -24.21 -18.76
C LEU B 316 18.17 -25.16 -17.58
N GLN B 317 19.09 -26.09 -17.64
CA GLN B 317 19.37 -26.90 -16.50
C GLN B 317 20.62 -26.38 -15.86
N ILE B 318 20.53 -26.18 -14.56
CA ILE B 318 21.59 -25.67 -13.79
C ILE B 318 22.26 -26.85 -13.18
N GLY B 319 23.57 -26.80 -13.13
CA GLY B 319 24.34 -27.87 -12.56
C GLY B 319 24.28 -27.92 -11.06
N GLN B 320 24.76 -29.00 -10.50
CA GLN B 320 24.94 -29.12 -9.07
C GLN B 320 25.95 -28.16 -8.50
N GLY B 321 26.91 -27.76 -9.29
CA GLY B 321 27.98 -26.88 -8.80
C GLY B 321 28.73 -27.46 -7.62
N ARG B 322 28.64 -26.74 -6.49
CA ARG B 322 29.26 -27.05 -5.21
C ARG B 322 28.35 -27.87 -4.29
N THR B 323 27.22 -28.32 -4.80
CA THR B 323 26.23 -28.99 -3.96
C THR B 323 26.39 -30.49 -4.02
N GLN B 324 26.55 -31.10 -2.84
CA GLN B 324 26.89 -32.52 -2.75
C GLN B 324 25.65 -33.40 -2.56
N LEU B 325 25.24 -34.07 -3.64
CA LEU B 325 24.11 -35.00 -3.59
C LEU B 325 24.29 -36.21 -4.51
N GLU B 326 24.10 -37.42 -3.95
CA GLU B 326 24.18 -38.65 -4.75
C GLU B 326 22.80 -39.27 -5.01
N GLY B 327 22.58 -39.67 -6.26
CA GLY B 327 21.42 -40.47 -6.68
C GLY B 327 20.03 -39.87 -6.51
N GLN B 328 19.28 -40.42 -5.55
CA GLN B 328 17.86 -40.12 -5.36
C GLN B 328 17.60 -38.64 -5.09
N ALA B 329 18.39 -38.05 -4.20
CA ALA B 329 18.31 -36.64 -3.89
C ALA B 329 18.82 -35.81 -5.07
N ALA B 330 19.71 -36.40 -5.87
CA ALA B 330 20.37 -35.71 -6.99
C ALA B 330 19.47 -35.42 -8.19
N ALA B 331 18.51 -36.30 -8.46
CA ALA B 331 17.55 -36.06 -9.53
C ALA B 331 16.56 -35.00 -9.08
N ASP B 332 15.95 -35.19 -7.91
CA ASP B 332 15.04 -34.21 -7.33
C ASP B 332 15.67 -32.83 -7.37
N PHE B 333 16.92 -32.76 -6.91
CA PHE B 333 17.67 -31.51 -6.89
C PHE B 333 17.80 -30.95 -8.29
N ASN B 334 18.18 -31.80 -9.23
CA ASN B 334 18.26 -31.39 -10.61
C ASN B 334 16.95 -30.82 -11.10
N LYS B 335 15.89 -31.63 -11.03
CA LYS B 335 14.54 -31.21 -11.39
C LYS B 335 14.29 -29.82 -10.86
N GLN B 336 14.44 -29.66 -9.55
CA GLN B 336 14.33 -28.35 -8.88
C GLN B 336 15.10 -27.24 -9.58
N ASN B 337 16.16 -27.59 -10.31
CA ASN B 337 17.06 -26.60 -10.91
C ASN B 337 16.85 -26.39 -12.40
N TYR B 338 15.76 -26.94 -12.95
CA TYR B 338 15.49 -26.81 -14.38
C TYR B 338 14.70 -25.53 -14.67
N VAL B 339 15.37 -24.49 -15.19
CA VAL B 339 14.76 -23.18 -15.49
C VAL B 339 13.81 -23.16 -16.69
N SER B 340 12.54 -22.83 -16.46
CA SER B 340 11.53 -22.75 -17.54
C SER B 340 10.41 -21.75 -17.12
N TRP B 341 9.22 -21.86 -17.72
CA TRP B 341 8.13 -20.91 -17.38
C TRP B 341 7.37 -21.24 -16.13
N TRP B 342 7.80 -22.26 -15.37
CA TRP B 342 7.15 -22.67 -14.13
C TRP B 342 8.01 -23.70 -13.47
N PRO B 343 8.12 -23.69 -12.13
CA PRO B 343 8.98 -24.67 -11.47
C PRO B 343 8.54 -26.08 -11.84
N LEU B 344 9.49 -26.96 -12.17
CA LEU B 344 9.16 -28.26 -12.72
C LEU B 344 8.18 -29.08 -11.84
N GLY B 345 8.47 -29.20 -10.56
CA GLY B 345 7.63 -30.02 -9.67
C GLY B 345 6.18 -29.58 -9.55
N SER B 346 6.00 -28.26 -9.50
CA SER B 346 4.70 -27.61 -9.46
C SER B 346 3.99 -27.90 -10.77
N LYS B 347 4.71 -27.69 -11.87
CA LYS B 347 4.20 -27.90 -13.21
C LYS B 347 3.64 -29.33 -13.31
N SER B 348 4.43 -30.30 -12.85
CA SER B 348 4.04 -31.70 -12.97
C SER B 348 2.89 -32.00 -12.03
N SER B 349 2.88 -31.34 -10.88
CA SER B 349 1.82 -31.53 -9.88
C SER B 349 0.50 -31.04 -10.43
N ASN B 350 0.54 -29.84 -11.03
CA ASN B 350 -0.63 -29.28 -11.71
C ASN B 350 -1.24 -30.24 -12.72
N ILE B 351 -0.42 -30.71 -13.66
CA ILE B 351 -0.87 -31.60 -14.74
C ILE B 351 -1.54 -32.85 -14.16
N ARG B 352 -0.89 -33.49 -13.19
CA ARG B 352 -1.47 -34.60 -12.47
C ARG B 352 -2.82 -34.18 -11.89
N ASN B 353 -2.85 -33.03 -11.22
CA ASN B 353 -4.08 -32.58 -10.56
C ASN B 353 -5.23 -32.40 -11.55
N ILE B 354 -4.89 -31.91 -12.74
CA ILE B 354 -5.87 -31.74 -13.79
C ILE B 354 -6.06 -33.01 -14.62
N PHE B 355 -5.83 -34.14 -13.98
CA PHE B 355 -6.25 -35.44 -14.48
C PHE B 355 -7.25 -36.08 -13.51
N ASN B 356 -7.28 -35.58 -12.27
CA ASN B 356 -8.18 -36.09 -11.21
C ASN B 356 -8.24 -37.62 -11.09
N VAL B 357 -7.06 -38.26 -11.20
CA VAL B 357 -6.95 -39.71 -10.97
C VAL B 357 -5.61 -40.03 -10.27
N ALA B 358 -5.64 -41.09 -9.48
CA ALA B 358 -4.58 -41.43 -8.55
C ALA B 358 -3.52 -42.39 -9.05
N THR B 359 -2.75 -42.87 -8.08
CA THR B 359 -1.53 -43.61 -8.31
C THR B 359 -1.91 -44.81 -9.13
N GLU B 360 -3.13 -45.27 -8.95
CA GLU B 360 -3.59 -46.39 -9.73
C GLU B 360 -3.51 -45.97 -11.19
N ASP B 361 -3.85 -44.72 -11.49
CA ASP B 361 -3.84 -44.30 -12.89
C ASP B 361 -2.89 -43.19 -13.34
N GLN B 362 -2.33 -42.41 -12.43
CA GLN B 362 -1.62 -41.20 -12.83
C GLN B 362 -0.43 -41.51 -13.70
N PRO B 363 -0.28 -40.78 -14.79
CA PRO B 363 0.81 -41.04 -15.71
C PRO B 363 2.17 -40.64 -15.14
N ASP B 364 3.22 -41.37 -15.48
CA ASP B 364 4.57 -40.93 -15.14
C ASP B 364 4.96 -39.79 -16.06
N LEU B 365 5.66 -38.79 -15.54
CA LEU B 365 5.88 -37.55 -16.28
C LEU B 365 7.31 -37.17 -16.50
N LYS B 366 7.65 -36.96 -17.73
CA LYS B 366 8.96 -36.44 -18.11
C LYS B 366 8.81 -35.12 -18.92
N LEU B 367 9.13 -33.98 -18.30
CA LEU B 367 8.90 -32.68 -18.95
C LEU B 367 10.14 -31.79 -19.14
N ARG B 368 11.31 -32.39 -19.23
CA ARG B 368 12.52 -31.62 -19.48
C ARG B 368 13.02 -31.94 -20.87
N TRP B 369 13.64 -30.95 -21.52
CA TRP B 369 14.20 -31.20 -22.85
C TRP B 369 15.28 -32.25 -22.89
N SER B 370 16.05 -32.33 -21.80
CA SER B 370 17.02 -33.38 -21.59
C SER B 370 16.40 -34.76 -21.80
N ASP B 371 15.11 -34.90 -21.50
CA ASP B 371 14.38 -36.17 -21.67
C ASP B 371 14.13 -36.46 -23.14
N PHE B 372 14.35 -35.46 -23.98
CA PHE B 372 14.05 -35.60 -25.40
C PHE B 372 15.24 -35.25 -26.28
N SER B 373 16.31 -36.02 -26.12
CA SER B 373 17.47 -35.96 -27.00
C SER B 373 17.08 -36.52 -28.40
N GLN B 374 17.69 -35.95 -29.44
CA GLN B 374 17.48 -36.41 -30.83
C GLN B 374 18.72 -37.13 -31.35
N PRO B 375 18.55 -37.99 -32.37
CA PRO B 375 19.66 -38.47 -33.21
C PRO B 375 20.39 -37.33 -33.93
N ALA B 376 21.44 -37.67 -34.68
CA ALA B 376 22.23 -36.68 -35.40
C ALA B 376 22.48 -37.06 -36.87
N LEU B 396 2.51 -38.62 -22.33
CA LEU B 396 2.91 -38.79 -23.73
C LEU B 396 1.70 -38.62 -24.66
N ASN B 397 1.10 -39.74 -25.06
CA ASN B 397 -0.06 -39.72 -25.94
C ASN B 397 -1.35 -39.45 -25.16
N ASP B 398 -1.66 -40.34 -24.21
CA ASP B 398 -2.88 -40.25 -23.41
C ASP B 398 -2.83 -39.13 -22.36
N GLY B 399 -1.85 -38.25 -22.49
CA GLY B 399 -1.73 -37.06 -21.65
C GLY B 399 -1.97 -35.78 -22.45
N GLU B 400 -1.71 -35.84 -23.75
CA GLU B 400 -1.93 -34.70 -24.64
C GLU B 400 -3.43 -34.50 -24.83
N THR B 401 -4.15 -35.62 -24.92
CA THR B 401 -5.61 -35.60 -25.11
C THR B 401 -6.30 -34.92 -23.93
N LYS B 402 -5.94 -35.35 -22.72
CA LYS B 402 -6.59 -34.90 -21.50
C LYS B 402 -6.54 -33.38 -21.36
N LEU B 403 -5.37 -32.80 -21.68
CA LEU B 403 -5.18 -31.34 -21.69
C LEU B 403 -5.96 -30.64 -22.78
N LYS B 404 -5.85 -31.14 -24.02
CA LYS B 404 -6.62 -30.60 -25.13
C LYS B 404 -8.07 -30.50 -24.70
N ARG B 405 -8.56 -31.58 -24.09
CA ARG B 405 -9.93 -31.70 -23.58
C ARG B 405 -10.23 -30.71 -22.43
N PHE B 406 -9.28 -30.55 -21.51
CA PHE B 406 -9.41 -29.60 -20.39
C PHE B 406 -9.51 -28.16 -20.88
N VAL B 407 -8.73 -27.83 -21.91
CA VAL B 407 -8.74 -26.51 -22.50
C VAL B 407 -10.01 -26.27 -23.33
N GLU B 408 -10.46 -27.32 -24.03
CA GLU B 408 -11.75 -27.27 -24.73
C GLU B 408 -12.89 -26.93 -23.76
N LYS B 409 -12.87 -27.56 -22.59
CA LYS B 409 -13.86 -27.28 -21.55
C LYS B 409 -13.87 -25.83 -21.08
N LEU B 410 -12.69 -25.22 -20.99
CA LEU B 410 -12.60 -23.85 -20.48
C LEU B 410 -13.03 -22.78 -21.49
N ASN B 411 -12.57 -22.88 -22.72
CA ASN B 411 -12.97 -21.93 -23.76
C ASN B 411 -14.47 -22.04 -24.08
N ALA B 412 -15.03 -23.22 -23.80
CA ALA B 412 -16.47 -23.46 -23.97
C ALA B 412 -17.30 -22.89 -22.82
N ALA B 413 -16.69 -22.75 -21.66
CA ALA B 413 -17.38 -22.23 -20.48
C ALA B 413 -17.19 -20.72 -20.30
N LYS B 414 -16.72 -20.05 -21.35
CA LYS B 414 -16.52 -18.60 -21.34
C LYS B 414 -16.81 -18.00 -22.72
N ASP B 417 -22.04 -13.84 -19.62
CA ASP B 417 -22.60 -15.00 -20.31
C ASP B 417 -22.50 -16.29 -19.49
N ALA B 418 -21.34 -16.47 -18.84
CA ALA B 418 -21.00 -17.72 -18.17
C ALA B 418 -20.42 -17.48 -16.77
N SER B 419 -20.08 -18.58 -16.09
CA SER B 419 -19.53 -18.53 -14.74
C SER B 419 -18.54 -19.66 -14.50
N TYR B 420 -17.83 -19.59 -13.37
CA TYR B 420 -16.91 -20.64 -12.95
C TYR B 420 -17.65 -21.94 -12.70
N LYS B 421 -18.81 -21.84 -12.05
CA LYS B 421 -19.60 -23.02 -11.71
C LYS B 421 -19.81 -23.96 -12.89
N ASP B 422 -19.78 -23.42 -14.10
CA ASP B 422 -19.97 -24.23 -15.31
C ASP B 422 -18.86 -25.26 -15.50
N ALA B 423 -17.61 -24.83 -15.38
CA ALA B 423 -16.47 -25.73 -15.40
C ALA B 423 -15.90 -25.97 -14.00
N SER B 424 -16.80 -26.21 -13.05
CA SER B 424 -16.46 -26.37 -11.62
C SER B 424 -15.24 -27.26 -11.35
N GLU B 425 -15.29 -28.48 -11.89
CA GLU B 425 -14.23 -29.47 -11.66
C GLU B 425 -12.84 -28.96 -12.05
N GLY B 426 -12.76 -28.32 -13.23
CA GLY B 426 -11.54 -27.70 -13.71
C GLY B 426 -10.94 -26.76 -12.70
N TYR B 427 -11.74 -25.80 -12.25
CA TYR B 427 -11.32 -24.80 -11.28
C TYR B 427 -10.92 -25.40 -9.94
N ALA B 428 -11.70 -26.37 -9.48
CA ALA B 428 -11.41 -27.03 -8.20
C ALA B 428 -10.09 -27.75 -8.29
N SER B 429 -9.98 -28.70 -9.23
CA SER B 429 -8.80 -29.57 -9.35
C SER B 429 -7.47 -28.82 -9.38
N VAL B 430 -7.37 -27.75 -10.18
CA VAL B 430 -6.15 -26.93 -10.25
C VAL B 430 -5.95 -26.20 -8.94
N LEU B 431 -6.91 -25.35 -8.61
CA LEU B 431 -6.81 -24.40 -7.50
C LEU B 431 -6.79 -25.05 -6.11
N LEU B 432 -7.62 -26.07 -5.93
CA LEU B 432 -7.61 -26.81 -4.67
C LEU B 432 -6.42 -27.76 -4.61
N GLY B 433 -5.97 -28.23 -5.77
CA GLY B 433 -4.82 -29.13 -5.83
C GLY B 433 -3.43 -28.56 -5.60
N ASN B 434 -3.24 -27.28 -5.83
CA ASN B 434 -1.88 -26.75 -5.72
C ASN B 434 -1.84 -25.37 -5.10
N PRO B 435 -1.27 -25.26 -3.88
CA PRO B 435 -1.11 -24.00 -3.15
C PRO B 435 -0.40 -22.91 -3.97
N ASP B 436 0.58 -23.29 -4.78
CA ASP B 436 1.30 -22.33 -5.61
C ASP B 436 0.35 -21.51 -6.46
N MSE B 437 -0.83 -22.11 -6.72
CA MSE B 437 -1.76 -21.59 -7.69
C MSE B 437 -2.83 -20.84 -6.98
O MSE B 437 -3.27 -19.79 -7.45
CB MSE B 437 -2.37 -22.78 -8.39
CG MSE B 437 -1.23 -23.71 -8.70
SE MSE B 437 -0.61 -23.28 -10.50
CE MSE B 437 -0.21 -21.35 -10.60
N LEU B 438 -3.24 -21.39 -5.86
CA LEU B 438 -4.29 -20.79 -5.05
C LEU B 438 -3.85 -19.43 -4.54
N ALA B 439 -2.54 -19.25 -4.46
CA ALA B 439 -1.94 -18.02 -3.98
C ALA B 439 -1.59 -17.10 -5.14
N SER B 440 -2.10 -17.44 -6.33
CA SER B 440 -1.80 -16.67 -7.52
C SER B 440 -3.02 -15.90 -7.98
N THR B 441 -4.13 -16.06 -7.26
CA THR B 441 -5.40 -15.45 -7.65
C THR B 441 -5.45 -13.97 -7.31
N GLY B 442 -4.93 -13.59 -6.15
CA GLY B 442 -5.13 -12.22 -5.70
C GLY B 442 -6.07 -12.13 -4.52
N ILE B 443 -6.89 -13.15 -4.34
CA ILE B 443 -7.68 -13.37 -3.12
C ILE B 443 -6.76 -14.14 -2.18
N PRO B 444 -6.74 -13.78 -0.88
CA PRO B 444 -5.92 -14.51 0.10
C PRO B 444 -6.33 -15.97 0.19
N ALA B 445 -5.37 -16.88 0.07
CA ALA B 445 -5.67 -18.31 -0.03
C ALA B 445 -6.36 -18.86 1.23
N HIS B 446 -6.12 -18.25 2.38
CA HIS B 446 -6.75 -18.69 3.63
C HIS B 446 -8.25 -18.81 3.51
N VAL B 447 -8.85 -17.83 2.84
CA VAL B 447 -10.30 -17.78 2.65
C VAL B 447 -10.85 -19.12 2.13
N PHE B 448 -10.00 -19.88 1.43
CA PHE B 448 -10.41 -21.16 0.85
C PHE B 448 -9.91 -22.42 1.57
N GLN B 449 -9.24 -22.26 2.69
CA GLN B 449 -8.64 -23.40 3.37
C GLN B 449 -9.59 -24.55 3.61
N PRO B 450 -10.85 -24.22 3.80
CA PRO B 450 -11.84 -25.23 4.09
C PRO B 450 -11.94 -26.13 2.89
N PHE B 451 -12.29 -25.57 1.75
CA PHE B 451 -12.43 -26.37 0.58
C PHE B 451 -11.21 -27.24 0.41
N VAL B 452 -10.07 -26.68 0.74
CA VAL B 452 -8.85 -27.43 0.55
C VAL B 452 -9.00 -28.67 1.36
N ASP B 453 -9.07 -28.47 2.67
CA ASP B 453 -9.33 -29.59 3.54
C ASP B 453 -10.23 -30.57 2.85
N GLN B 454 -11.47 -30.20 2.61
CA GLN B 454 -12.37 -31.13 1.99
C GLN B 454 -12.01 -31.87 0.71
N TRP B 455 -11.35 -31.19 -0.20
CA TRP B 455 -10.93 -31.82 -1.43
C TRP B 455 -10.31 -33.17 -1.14
N ASN B 456 -9.99 -33.43 0.12
CA ASN B 456 -9.36 -34.71 0.49
C ASN B 456 -9.89 -35.26 1.83
N ASP B 457 -11.18 -35.63 1.87
CA ASP B 457 -11.82 -36.04 3.14
C ASP B 457 -13.00 -37.02 2.98
N THR B 458 -13.12 -37.59 1.79
CA THR B 458 -14.25 -38.42 1.44
C THR B 458 -15.55 -37.63 1.47
N SER B 459 -15.46 -36.39 1.01
CA SER B 459 -16.60 -35.55 0.68
C SER B 459 -16.64 -35.58 -0.83
N TYR B 460 -17.82 -35.77 -1.41
CA TYR B 460 -17.87 -36.02 -2.83
C TYR B 460 -17.14 -34.90 -3.52
N ASP B 461 -16.27 -35.26 -4.44
CA ASP B 461 -15.39 -34.28 -5.01
C ASP B 461 -15.43 -33.45 -6.26
N MSE B 462 -15.57 -34.13 -7.39
CA MSE B 462 -15.22 -33.48 -8.67
C MSE B 462 -16.47 -32.61 -8.97
O MSE B 462 -16.35 -31.53 -9.56
CB MSE B 462 -14.45 -34.25 -9.74
N MSE B 463 -17.65 -33.09 -8.57
CA MSE B 463 -18.85 -32.23 -8.53
C MSE B 463 -19.30 -31.35 -7.38
O MSE B 463 -19.56 -30.18 -7.61
CB MSE B 463 -19.95 -33.18 -9.03
CG MSE B 463 -20.73 -32.54 -10.25
SE MSE B 463 -22.30 -33.67 -10.80
CE MSE B 463 -22.98 -32.60 -12.32
N ASP B 464 -19.37 -31.87 -6.15
CA ASP B 464 -19.87 -31.07 -5.02
C ASP B 464 -18.88 -30.00 -4.54
N VAL B 465 -17.83 -30.43 -3.85
CA VAL B 465 -16.78 -29.52 -3.37
C VAL B 465 -16.37 -28.59 -4.51
N ALA B 466 -16.35 -29.14 -5.72
CA ALA B 466 -16.06 -28.39 -6.94
C ALA B 466 -17.10 -27.30 -7.20
N ASN B 467 -18.38 -27.67 -7.16
CA ASN B 467 -19.48 -26.72 -7.41
C ASN B 467 -19.56 -25.63 -6.36
N ARG B 468 -19.45 -26.01 -5.09
CA ARG B 468 -19.51 -25.05 -3.99
C ARG B 468 -18.36 -24.05 -4.02
N PHE B 469 -17.14 -24.56 -4.15
CA PHE B 469 -15.94 -23.72 -4.24
C PHE B 469 -16.03 -22.77 -5.43
N ALA B 470 -16.58 -23.25 -6.54
CA ALA B 470 -16.67 -22.46 -7.77
C ALA B 470 -17.43 -21.16 -7.56
N GLU B 471 -18.63 -21.26 -7.01
CA GLU B 471 -19.43 -20.05 -6.78
C GLU B 471 -18.84 -19.16 -5.68
N GLU B 472 -18.14 -19.78 -4.73
CA GLU B 472 -17.51 -19.03 -3.65
C GLU B 472 -16.35 -18.22 -4.20
N LEU B 473 -15.56 -18.86 -5.06
CA LEU B 473 -14.49 -18.22 -5.82
C LEU B 473 -15.02 -17.05 -6.63
N GLN B 474 -16.05 -17.33 -7.43
CA GLN B 474 -16.82 -16.32 -8.14
C GLN B 474 -17.11 -15.13 -7.23
N LYS B 475 -17.86 -15.39 -6.16
CA LYS B 475 -18.25 -14.37 -5.21
C LYS B 475 -17.05 -13.62 -4.63
N GLN B 476 -15.96 -14.34 -4.32
CA GLN B 476 -14.79 -13.72 -3.72
C GLN B 476 -14.06 -12.83 -4.71
N ALA B 477 -14.04 -13.27 -5.96
CA ALA B 477 -13.42 -12.54 -7.04
C ALA B 477 -14.16 -11.23 -7.26
N GLN B 478 -15.49 -11.30 -7.26
CA GLN B 478 -16.33 -10.14 -7.54
C GLN B 478 -16.33 -9.16 -6.39
N ALA B 479 -16.03 -9.66 -5.20
CA ALA B 479 -16.02 -8.82 -4.01
C ALA B 479 -14.77 -7.98 -3.93
N SER B 480 -13.63 -8.57 -4.30
CA SER B 480 -12.32 -8.01 -4.01
C SER B 480 -12.12 -6.59 -4.52
N GLY B 481 -11.08 -5.94 -4.01
CA GLY B 481 -10.68 -4.59 -4.40
C GLY B 481 -10.38 -4.38 -5.89
N ASP B 482 -9.79 -5.38 -6.54
CA ASP B 482 -9.46 -5.25 -7.97
C ASP B 482 -10.04 -6.40 -8.81
N PRO B 483 -11.34 -6.39 -9.04
CA PRO B 483 -11.99 -7.57 -9.61
C PRO B 483 -11.50 -7.92 -11.02
N ALA B 484 -11.28 -6.91 -11.86
CA ALA B 484 -10.73 -7.12 -13.20
C ALA B 484 -9.43 -7.89 -13.11
N LEU B 485 -8.61 -7.51 -12.13
CA LEU B 485 -7.31 -8.09 -11.91
C LEU B 485 -7.36 -9.55 -11.41
N VAL B 486 -8.09 -9.84 -10.35
CA VAL B 486 -8.12 -11.22 -9.86
C VAL B 486 -8.83 -12.11 -10.88
N GLU B 487 -9.76 -11.53 -11.65
CA GLU B 487 -10.36 -12.26 -12.77
C GLU B 487 -9.32 -12.63 -13.82
N LYS B 488 -8.46 -11.68 -14.21
CA LYS B 488 -7.33 -11.95 -15.08
C LYS B 488 -6.46 -13.07 -14.52
N ARG B 489 -6.08 -12.95 -13.24
CA ARG B 489 -5.13 -13.86 -12.62
C ARG B 489 -5.70 -15.26 -12.62
N ILE B 490 -7.00 -15.38 -12.33
CA ILE B 490 -7.62 -16.68 -12.26
C ILE B 490 -7.57 -17.34 -13.63
N ASP B 491 -7.75 -16.55 -14.67
CA ASP B 491 -7.72 -17.07 -16.03
C ASP B 491 -6.31 -17.53 -16.38
N ASN B 492 -5.31 -16.69 -16.11
CA ASN B 492 -3.93 -17.06 -16.34
C ASN B 492 -3.52 -18.28 -15.58
N VAL B 493 -4.05 -18.43 -14.38
CA VAL B 493 -3.56 -19.47 -13.50
C VAL B 493 -4.16 -20.79 -13.93
N VAL B 494 -5.38 -20.74 -14.44
CA VAL B 494 -6.11 -21.96 -14.72
C VAL B 494 -6.02 -22.33 -16.21
N ARG B 495 -6.37 -21.38 -17.08
CA ARG B 495 -6.41 -21.63 -18.52
C ARG B 495 -5.07 -21.46 -19.20
N LEU B 496 -4.41 -20.33 -18.98
CA LEU B 496 -3.16 -20.05 -19.66
C LEU B 496 -2.11 -21.13 -19.34
N PHE B 497 -1.94 -21.46 -18.07
CA PHE B 497 -0.99 -22.47 -17.70
C PHE B 497 -1.32 -23.76 -18.44
N ALA B 498 -2.60 -24.15 -18.47
CA ALA B 498 -3.01 -25.37 -19.15
C ALA B 498 -2.63 -25.35 -20.64
N GLU B 499 -2.83 -24.19 -21.27
CA GLU B 499 -2.44 -23.98 -22.67
C GLU B 499 -0.94 -24.12 -22.87
N ARG B 500 -0.17 -23.56 -21.94
CA ARG B 500 1.28 -23.66 -21.98
C ARG B 500 1.76 -25.08 -21.69
N ALA B 501 1.12 -25.74 -20.74
CA ALA B 501 1.42 -27.14 -20.49
C ALA B 501 1.25 -27.95 -21.76
N LEU B 502 0.17 -27.68 -22.48
CA LEU B 502 -0.18 -28.41 -23.70
C LEU B 502 0.86 -28.23 -24.80
N GLU B 503 1.19 -26.98 -25.07
CA GLU B 503 2.13 -26.57 -26.10
C GLU B 503 3.48 -27.25 -25.91
N GLU B 504 3.92 -27.29 -24.67
CA GLU B 504 5.17 -27.92 -24.30
C GLU B 504 5.10 -29.42 -24.62
N ILE B 505 4.06 -30.10 -24.13
CA ILE B 505 3.88 -31.52 -24.49
C ILE B 505 3.86 -31.72 -26.00
N GLU B 506 3.23 -30.79 -26.73
CA GLU B 506 3.22 -30.84 -28.19
C GLU B 506 4.62 -30.72 -28.81
N ALA B 507 5.44 -29.82 -28.27
CA ALA B 507 6.84 -29.72 -28.69
C ALA B 507 7.61 -31.03 -28.42
N PHE B 508 7.39 -31.66 -27.28
CA PHE B 508 8.00 -32.96 -26.99
C PHE B 508 7.56 -34.03 -27.98
N LYS B 509 6.28 -34.06 -28.31
CA LYS B 509 5.76 -35.01 -29.30
C LYS B 509 6.38 -34.74 -30.67
N ALA B 510 6.57 -33.46 -30.99
CA ALA B 510 7.11 -33.04 -32.29
C ALA B 510 8.56 -33.45 -32.45
N SER B 511 9.37 -33.23 -31.40
CA SER B 511 10.79 -33.60 -31.41
C SER B 511 11.01 -35.11 -31.53
N GLN B 512 10.14 -35.90 -30.90
CA GLN B 512 10.17 -37.35 -31.07
C GLN B 512 9.73 -37.79 -32.48
N ALA B 513 9.09 -36.89 -33.22
CA ALA B 513 8.69 -37.18 -34.59
C ALA B 513 9.67 -36.59 -35.59
N ASP B 514 10.65 -35.85 -35.08
CA ASP B 514 11.68 -35.18 -35.90
C ASP B 514 11.10 -34.06 -36.78
N GLU B 515 10.22 -33.26 -36.20
CA GLU B 515 9.65 -32.10 -36.86
C GLU B 515 10.27 -30.83 -36.28
N GLY B 516 11.60 -30.78 -36.29
CA GLY B 516 12.35 -29.67 -35.69
C GLY B 516 13.56 -30.17 -34.93
N ARG B 517 14.34 -29.25 -34.38
CA ARG B 517 15.66 -29.61 -33.85
C ARG B 517 15.99 -29.04 -32.48
N VAL B 518 16.42 -29.94 -31.58
CA VAL B 518 16.92 -29.55 -30.27
C VAL B 518 18.38 -29.14 -30.40
N PHE B 519 18.73 -27.99 -29.83
CA PHE B 519 20.12 -27.60 -29.75
C PHE B 519 20.52 -27.62 -28.28
N ARG B 520 21.72 -28.12 -28.00
CA ARG B 520 22.24 -28.19 -26.64
C ARG B 520 23.52 -27.35 -26.51
N ILE B 521 23.60 -26.53 -25.47
CA ILE B 521 24.84 -25.80 -25.22
C ILE B 521 25.23 -25.91 -23.76
N ASN B 522 26.44 -26.39 -23.52
CA ASN B 522 27.01 -26.45 -22.19
C ASN B 522 27.71 -25.14 -21.86
N LEU B 523 27.30 -24.52 -20.76
CA LEU B 523 27.81 -23.24 -20.37
C LEU B 523 28.76 -23.40 -19.17
N GLU B 524 29.80 -22.58 -19.14
CA GLU B 524 30.70 -22.65 -18.01
C GLU B 524 31.25 -21.30 -17.62
N GLY B 525 31.86 -21.24 -16.43
CA GLY B 525 32.41 -20.00 -15.91
C GLY B 525 31.37 -19.17 -15.18
N LEU B 526 30.11 -19.61 -15.23
CA LEU B 526 29.03 -18.92 -14.50
C LEU B 526 29.02 -19.31 -13.04
N ASP B 527 28.43 -18.47 -12.18
CA ASP B 527 28.30 -18.75 -10.74
C ASP B 527 27.09 -19.64 -10.55
N VAL B 528 27.28 -20.95 -10.42
CA VAL B 528 26.12 -21.85 -10.35
C VAL B 528 25.23 -21.63 -9.14
N ALA B 529 25.83 -21.31 -8.00
CA ALA B 529 25.09 -21.11 -6.75
C ALA B 529 24.24 -19.83 -6.80
N ALA B 530 24.81 -18.76 -7.35
CA ALA B 530 24.07 -17.53 -7.57
C ALA B 530 22.90 -17.83 -8.47
N MSE B 531 23.08 -18.77 -9.38
CA MSE B 531 22.07 -19.08 -10.38
C MSE B 531 21.04 -19.99 -9.77
O MSE B 531 19.86 -19.93 -10.13
CB MSE B 531 22.70 -19.75 -11.60
CG MSE B 531 23.00 -18.79 -12.73
SE MSE B 531 23.68 -19.71 -14.34
CE MSE B 531 24.04 -21.57 -13.80
N GLN B 532 21.44 -20.86 -8.84
CA GLN B 532 20.44 -21.73 -8.26
C GLN B 532 19.72 -21.06 -7.09
N ALA B 533 20.28 -19.95 -6.61
CA ALA B 533 19.59 -19.14 -5.62
C ALA B 533 18.54 -18.34 -6.35
N GLU B 534 18.91 -17.81 -7.51
CA GLU B 534 18.05 -16.95 -8.30
C GLU B 534 16.86 -17.69 -8.81
N TRP B 535 17.05 -18.89 -9.34
CA TRP B 535 15.93 -19.69 -9.79
C TRP B 535 15.07 -20.02 -8.63
N ASN B 536 15.68 -20.30 -7.49
CA ASN B 536 14.89 -20.68 -6.31
C ASN B 536 14.03 -19.53 -5.81
N ARG B 537 14.53 -18.32 -5.99
CA ARG B 537 13.83 -17.11 -5.63
C ARG B 537 12.61 -16.91 -6.55
N LEU B 538 12.80 -17.19 -7.83
CA LEU B 538 11.74 -17.03 -8.80
C LEU B 538 10.68 -18.08 -8.53
N SER B 539 11.11 -19.25 -8.09
CA SER B 539 10.22 -20.38 -7.92
C SER B 539 9.35 -20.23 -6.69
N ASN B 540 9.68 -19.27 -5.81
CA ASN B 540 9.00 -19.23 -4.50
C ASN B 540 8.24 -17.98 -4.12
N ASP B 541 8.68 -16.84 -4.64
CA ASP B 541 7.95 -15.61 -4.52
C ASP B 541 6.74 -15.75 -5.44
N PRO B 542 5.52 -15.56 -4.91
CA PRO B 542 4.39 -15.78 -5.83
C PRO B 542 4.18 -14.70 -6.90
N ASP B 543 4.62 -13.47 -6.64
CA ASP B 543 4.66 -12.51 -7.74
C ASP B 543 5.71 -12.93 -8.79
N ALA B 544 6.93 -13.24 -8.33
CA ALA B 544 7.98 -13.69 -9.23
C ALA B 544 7.49 -14.83 -10.08
N ARG B 545 7.06 -15.89 -9.39
CA ARG B 545 6.52 -17.07 -10.04
C ARG B 545 5.39 -16.71 -10.99
N TYR B 546 4.44 -15.89 -10.54
CA TYR B 546 3.33 -15.50 -11.42
C TYR B 546 3.83 -14.89 -12.70
N GLN B 547 4.83 -13.99 -12.61
CA GLN B 547 5.40 -13.36 -13.78
C GLN B 547 5.91 -14.38 -14.80
N LEU B 548 6.59 -15.43 -14.34
CA LEU B 548 7.07 -16.50 -15.27
C LEU B 548 5.97 -16.94 -16.22
N LEU B 549 4.75 -17.03 -15.69
CA LEU B 549 3.60 -17.56 -16.43
C LEU B 549 3.20 -16.65 -17.56
N THR B 550 3.55 -15.38 -17.43
CA THR B 550 3.13 -14.38 -18.38
C THR B 550 4.31 -13.96 -19.25
N LYS B 551 5.28 -14.85 -19.42
CA LYS B 551 6.49 -14.55 -20.21
C LYS B 551 7.07 -15.74 -20.96
N ASN B 552 7.89 -15.41 -21.98
CA ASN B 552 8.81 -16.35 -22.62
C ASN B 552 9.64 -17.09 -21.58
N ALA B 553 9.96 -18.35 -21.83
CA ALA B 553 10.93 -19.00 -20.96
C ALA B 553 12.32 -18.46 -21.26
N SER B 554 12.55 -18.07 -22.52
CA SER B 554 13.79 -17.38 -22.91
C SER B 554 14.13 -16.26 -21.93
N SER B 555 13.16 -15.42 -21.57
CA SER B 555 13.51 -14.24 -20.78
C SER B 555 13.85 -14.59 -19.33
N THR B 556 13.24 -15.67 -18.86
CA THR B 556 13.46 -16.22 -17.53
C THR B 556 14.87 -16.77 -17.45
N VAL B 557 15.26 -17.57 -18.45
CA VAL B 557 16.61 -18.11 -18.51
C VAL B 557 17.62 -16.99 -18.62
N ALA B 558 17.38 -16.03 -19.49
CA ALA B 558 18.32 -14.90 -19.64
C ALA B 558 18.46 -14.21 -18.30
N LYS B 559 17.37 -14.26 -17.54
CA LYS B 559 17.33 -13.64 -16.23
C LYS B 559 18.28 -14.44 -15.31
N VAL B 560 18.10 -15.75 -15.24
CA VAL B 560 18.94 -16.60 -14.42
C VAL B 560 20.41 -16.51 -14.87
N LEU B 561 20.67 -16.60 -16.17
CA LEU B 561 22.03 -16.48 -16.67
C LEU B 561 22.66 -15.18 -16.20
N LYS B 562 21.91 -14.08 -16.25
CA LYS B 562 22.46 -12.79 -15.82
C LYS B 562 22.87 -12.79 -14.34
N ALA B 563 22.14 -13.54 -13.53
CA ALA B 563 22.48 -13.73 -12.12
C ALA B 563 23.78 -14.51 -11.98
N GLY B 564 24.02 -15.47 -12.88
CA GLY B 564 25.24 -16.25 -12.91
C GLY B 564 26.51 -15.47 -13.27
N GLY B 565 26.35 -14.18 -13.58
CA GLY B 565 27.48 -13.34 -13.97
C GLY B 565 27.77 -13.23 -15.46
N ALA B 566 26.78 -13.62 -16.29
CA ALA B 566 26.92 -13.58 -17.76
C ALA B 566 27.29 -12.22 -18.36
N ASP B 567 26.84 -11.13 -17.75
CA ASP B 567 27.14 -9.78 -18.23
C ASP B 567 28.59 -9.41 -17.95
N LYS B 568 29.17 -9.99 -16.88
CA LYS B 568 30.61 -9.87 -16.58
C LYS B 568 31.42 -10.51 -17.69
N LEU B 569 31.00 -11.70 -18.11
CA LEU B 569 31.74 -12.46 -19.11
C LEU B 569 31.72 -11.77 -20.47
N ILE B 570 30.54 -11.35 -20.92
CA ILE B 570 30.42 -10.70 -22.23
C ILE B 570 31.33 -9.48 -22.35
N GLY B 571 31.28 -8.61 -21.34
CA GLY B 571 32.06 -7.38 -21.35
C GLY B 571 31.17 -6.16 -21.43
N HIS B 572 29.93 -6.38 -21.86
CA HIS B 572 28.91 -5.34 -22.03
C HIS B 572 27.56 -5.98 -21.85
N THR B 573 26.52 -5.15 -21.72
CA THR B 573 25.14 -5.65 -21.66
C THR B 573 24.70 -6.07 -23.07
N TRP B 574 24.06 -7.24 -23.15
CA TRP B 574 23.80 -7.92 -24.43
C TRP B 574 22.36 -7.85 -24.84
N ARG B 575 22.04 -6.87 -25.66
CA ARG B 575 20.65 -6.51 -26.01
C ARG B 575 20.05 -7.27 -27.22
N PRO B 576 19.04 -8.14 -26.97
CA PRO B 576 18.32 -8.83 -28.04
C PRO B 576 17.54 -7.85 -28.92
N LYS B 577 17.32 -8.22 -30.18
CA LYS B 577 16.60 -7.39 -31.14
C LYS B 577 15.20 -7.08 -30.58
N PHE B 578 14.87 -5.79 -30.62
CA PHE B 578 13.63 -5.23 -30.05
C PHE B 578 13.58 -5.29 -28.53
N GLY B 579 14.66 -5.72 -27.88
CA GLY B 579 14.64 -5.90 -26.45
C GLY B 579 13.85 -7.12 -25.99
N VAL B 580 13.58 -8.08 -26.88
CA VAL B 580 12.78 -9.25 -26.43
C VAL B 580 13.45 -10.62 -26.66
N TRP B 581 13.56 -11.39 -25.58
CA TRP B 581 14.17 -12.73 -25.67
C TRP B 581 13.35 -13.68 -26.50
N THR B 582 14.04 -14.43 -27.35
CA THR B 582 13.44 -15.44 -28.22
C THR B 582 14.43 -16.60 -28.14
N PRO B 583 14.00 -17.85 -28.41
CA PRO B 583 14.97 -18.95 -28.32
C PRO B 583 16.27 -18.76 -29.16
N THR B 584 16.12 -18.38 -30.40
CA THR B 584 17.25 -18.00 -31.24
C THR B 584 18.18 -17.03 -30.54
N GLU B 585 17.61 -16.00 -29.94
CA GLU B 585 18.37 -14.87 -29.45
C GLU B 585 19.14 -15.22 -28.19
N LEU B 586 18.63 -16.20 -27.45
CA LEU B 586 19.30 -16.81 -26.30
C LEU B 586 20.46 -17.68 -26.78
N PHE B 587 20.26 -18.32 -27.92
CA PHE B 587 21.27 -19.19 -28.46
C PHE B 587 22.49 -18.34 -28.79
N ASN B 588 22.27 -17.19 -29.42
CA ASN B 588 23.35 -16.25 -29.68
C ASN B 588 24.04 -15.74 -28.41
N PHE B 589 23.26 -15.57 -27.34
CA PHE B 589 23.77 -15.16 -26.04
C PHE B 589 24.64 -16.27 -25.48
N GLY B 590 24.04 -17.44 -25.29
CA GLY B 590 24.76 -18.63 -24.84
C GLY B 590 26.13 -18.79 -25.45
N GLN B 591 26.24 -18.65 -26.75
CA GLN B 591 27.52 -18.79 -27.45
C GLN B 591 28.43 -17.59 -27.32
N ALA B 592 27.89 -16.42 -27.03
CA ALA B 592 28.69 -15.22 -26.77
C ALA B 592 29.41 -15.35 -25.41
N LEU B 593 28.77 -16.06 -24.48
CA LEU B 593 29.39 -16.49 -23.23
C LEU B 593 30.50 -17.51 -23.48
N GLN B 594 30.34 -18.35 -24.49
CA GLN B 594 31.39 -19.27 -24.89
C GLN B 594 32.55 -18.51 -25.55
N GLU B 595 32.23 -17.48 -26.31
CA GLU B 595 33.22 -16.64 -27.00
C GLU B 595 34.13 -15.90 -25.98
N ALA B 596 33.73 -15.96 -24.72
CA ALA B 596 34.58 -15.50 -23.62
C ALA B 596 35.42 -16.67 -23.11
N GLN B 597 34.82 -17.87 -23.10
CA GLN B 597 35.48 -19.08 -22.62
C GLN B 597 36.50 -19.70 -23.59
N LEU B 598 36.61 -19.15 -24.80
CA LEU B 598 37.51 -19.67 -25.82
C LEU B 598 38.88 -19.01 -25.72
N GLU B 599 38.90 -17.68 -25.68
CA GLU B 599 40.15 -16.91 -25.54
C GLU B 599 39.86 -15.52 -24.95
C1 DIO C . -38.06 16.01 23.71
C2 DIO C . -37.60 17.84 22.19
C1' DIO C . -37.47 16.92 24.79
C2' DIO C . -36.67 18.54 23.17
O1 DIO C . -37.67 16.42 22.40
O1' DIO C . -36.35 17.67 24.28
C1 DIO D . -38.54 25.34 -2.94
C2 DIO D . -37.95 27.64 -2.51
C1' DIO D . -39.43 25.35 -1.69
C2' DIO D . -38.71 27.54 -1.19
O1 DIO D . -38.40 26.67 -3.46
O1' DIO D . -38.77 26.19 -0.74
S SO4 E . -39.74 27.20 3.11
O1 SO4 E . -40.94 28.04 3.40
O2 SO4 E . -39.39 26.43 4.32
O3 SO4 E . -38.62 28.08 2.71
O4 SO4 E . -40.08 26.27 1.99
O1 MES F . -38.41 18.77 -5.83
C2 MES F . -38.50 20.06 -5.21
C3 MES F . -37.48 21.05 -5.80
N4 MES F . -37.62 21.22 -7.28
C5 MES F . -38.21 20.02 -7.93
C6 MES F . -37.85 18.75 -7.15
C7 MES F . -38.47 22.39 -7.58
C8 MES F . -37.61 23.58 -7.99
S MES F . -38.32 25.02 -7.53
O1S MES F . -39.79 24.96 -7.79
O2S MES F . -38.12 25.27 -6.09
O3S MES F . -37.72 26.14 -8.30
C FMT G . -10.02 7.78 -11.49
O1 FMT G . -11.00 7.85 -10.76
O2 FMT G . -9.35 8.88 -11.86
CL CL H . -14.69 10.90 -3.67
CL CL I . -36.49 25.58 5.63
O1 MES J . 4.18 -17.36 -23.49
C2 MES J . 2.89 -17.74 -23.96
C3 MES J . 1.86 -17.06 -23.06
N4 MES J . 2.29 -15.66 -22.75
C5 MES J . 3.23 -15.14 -23.76
C6 MES J . 4.51 -15.96 -23.66
C7 MES J . 1.08 -14.81 -22.66
C8 MES J . 1.49 -13.35 -22.54
S MES J . 0.39 -12.42 -21.70
O1S MES J . 0.13 -12.97 -20.35
O2S MES J . 1.04 -11.08 -21.60
O3S MES J . -0.95 -12.36 -22.38
CL CL K . 9.07 -21.76 -23.78
#